data_3TJ4
#
_entry.id   3TJ4
#
_cell.length_a   118.739
_cell.length_b   118.739
_cell.length_c   113.423
_cell.angle_alpha   90.000
_cell.angle_beta   90.000
_cell.angle_gamma   90.000
#
_symmetry.space_group_name_H-M   'P 4 21 2'
#
loop_
_entity.id
_entity.type
_entity.pdbx_description
1 polymer 'Mandelate racemase'
2 non-polymer 'PHOSPHATE ION'
3 non-polymer GLYCEROL
4 non-polymer 'CHLORIDE ION'
5 water water
#
_entity_poly.entity_id   1
_entity_poly.type   'polypeptide(L)'
_entity_poly.pdbx_seq_one_letter_code
;MKITAVEPFILHLPLTSESISDSTHSITHWGVVGAKITTSDGIEGYGFTGTHAHLPSDRLITSCISDCYAPLLLGEDASD
HSRLWTKLARYPSLQWVGRAGITHLALAAVDVALWDIKAKKAGVPLWHYLGGARTAGVEAYNTDIGWLSFTLEDLLAGSA
RAVEEDGFTRLKIKVGHDDPNIDIARLTAVRERVDSAVRIAIDGNGKWDLPTCQRFCAAAKDLDIYWFEEPLWYDDVTSH
ARLARNTSIPIALGEQLYTVDAFRSFIDAGAVAYVQPDVTRLGGITEYIQVADLALAHRLPVVPHAGEMSQVHVHLSYWH
PASTILEYIPWIKDHFEEPIHVRDGVYKRPEQPGASTTPLAESFTRYGKAVK
;
_entity_poly.pdbx_strand_id   A,B
#
loop_
_chem_comp.id
_chem_comp.type
_chem_comp.name
_chem_comp.formula
CL non-polymer 'CHLORIDE ION' 'Cl -1'
GOL non-polymer GLYCEROL 'C3 H8 O3'
PO4 non-polymer 'PHOSPHATE ION' 'O4 P -3'
#
# COMPACT_ATOMS: atom_id res chain seq x y z
N MET A 1 20.15 -1.32 -12.02
CA MET A 1 21.06 -1.24 -13.16
C MET A 1 20.42 -0.41 -14.27
N LYS A 2 21.23 0.18 -15.13
CA LYS A 2 20.69 1.06 -16.17
C LYS A 2 19.93 0.26 -17.23
N ILE A 3 18.82 0.83 -17.66
CA ILE A 3 18.04 0.28 -18.77
C ILE A 3 18.75 0.55 -20.09
N THR A 4 18.99 -0.50 -20.86
CA THR A 4 19.71 -0.39 -22.13
C THR A 4 18.84 -0.61 -23.37
N ALA A 5 17.66 -1.21 -23.18
CA ALA A 5 16.74 -1.40 -24.29
C ALA A 5 15.32 -1.59 -23.81
N VAL A 6 14.38 -1.15 -24.65
CA VAL A 6 12.97 -1.33 -24.40
C VAL A 6 12.36 -1.76 -25.72
N GLU A 7 11.80 -2.96 -25.74
N GLU A 7 11.83 -2.98 -25.76
CA GLU A 7 11.28 -3.56 -26.96
CA GLU A 7 11.27 -3.52 -27.00
C GLU A 7 9.84 -4.01 -26.74
C GLU A 7 9.86 -4.04 -26.80
N PRO A 8 8.88 -3.40 -27.43
CA PRO A 8 7.50 -3.88 -27.30
C PRO A 8 7.29 -5.20 -28.06
N PHE A 9 6.25 -5.93 -27.69
CA PHE A 9 5.89 -7.15 -28.41
C PHE A 9 4.39 -7.36 -28.35
N ILE A 10 3.88 -8.13 -29.30
CA ILE A 10 2.47 -8.47 -29.39
C ILE A 10 2.37 -9.96 -29.64
N LEU A 11 1.67 -10.67 -28.76
CA LEU A 11 1.32 -12.08 -28.98
C LEU A 11 -0.17 -12.22 -29.15
N HIS A 12 -0.59 -12.98 -30.16
CA HIS A 12 -2.00 -13.30 -30.30
C HIS A 12 -2.14 -14.79 -30.05
N LEU A 13 -2.48 -15.15 -28.82
CA LEU A 13 -2.47 -16.55 -28.38
C LEU A 13 -3.85 -17.19 -28.50
N PRO A 14 -3.91 -18.44 -28.97
CA PRO A 14 -5.21 -19.10 -29.12
C PRO A 14 -5.86 -19.44 -27.77
N LEU A 15 -7.17 -19.62 -27.76
CA LEU A 15 -7.90 -19.96 -26.54
C LEU A 15 -8.04 -21.48 -26.41
N THR A 28 -11.34 -14.76 -30.37
CA THR A 28 -10.71 -15.96 -30.89
C THR A 28 -9.27 -16.11 -30.38
N HIS A 29 -8.65 -14.99 -30.03
CA HIS A 29 -7.31 -15.01 -29.47
C HIS A 29 -7.25 -14.07 -28.29
N TRP A 30 -6.29 -14.31 -27.41
CA TRP A 30 -6.01 -13.38 -26.33
C TRP A 30 -4.76 -12.61 -26.67
N GLY A 31 -4.83 -11.29 -26.53
CA GLY A 31 -3.70 -10.44 -26.81
C GLY A 31 -2.84 -10.20 -25.60
N VAL A 32 -1.58 -10.63 -25.69
CA VAL A 32 -0.57 -10.31 -24.69
C VAL A 32 0.32 -9.24 -25.31
N VAL A 33 0.17 -8.01 -24.82
CA VAL A 33 0.78 -6.85 -25.47
C VAL A 33 1.65 -6.16 -24.44
N GLY A 34 2.95 -6.09 -24.69
CA GLY A 34 3.80 -5.57 -23.64
C GLY A 34 5.18 -5.12 -24.03
N ALA A 35 6.06 -5.16 -23.05
CA ALA A 35 7.40 -4.62 -23.18
C ALA A 35 8.42 -5.60 -22.61
N LYS A 36 9.52 -5.78 -23.33
CA LYS A 36 10.69 -6.44 -22.78
C LYS A 36 11.71 -5.35 -22.50
N ILE A 37 12.17 -5.24 -21.26
CA ILE A 37 13.12 -4.22 -20.85
C ILE A 37 14.43 -4.89 -20.45
N THR A 38 15.53 -4.49 -21.08
CA THR A 38 16.84 -5.06 -20.81
C THR A 38 17.67 -4.09 -20.01
N THR A 39 18.40 -4.62 -19.03
CA THR A 39 19.33 -3.80 -18.25
C THR A 39 20.78 -4.15 -18.58
N SER A 40 21.71 -3.34 -18.08
CA SER A 40 23.11 -3.42 -18.50
C SER A 40 23.76 -4.74 -18.12
N ASP A 41 23.19 -5.43 -17.13
CA ASP A 41 23.70 -6.72 -16.68
C ASP A 41 23.12 -7.88 -17.48
N GLY A 42 22.30 -7.57 -18.48
CA GLY A 42 21.74 -8.59 -19.35
C GLY A 42 20.40 -9.16 -18.88
N ILE A 43 19.94 -8.74 -17.71
CA ILE A 43 18.64 -9.20 -17.22
C ILE A 43 17.55 -8.61 -18.11
N GLU A 44 16.54 -9.41 -18.38
CA GLU A 44 15.43 -9.01 -19.25
C GLU A 44 14.14 -9.16 -18.47
N GLY A 45 13.41 -8.05 -18.34
CA GLY A 45 12.12 -8.07 -17.67
C GLY A 45 10.99 -7.99 -18.66
N TYR A 46 9.90 -8.68 -18.36
CA TYR A 46 8.73 -8.69 -19.22
C TYR A 46 7.50 -8.21 -18.45
N GLY A 47 6.69 -7.41 -19.11
CA GLY A 47 5.42 -6.99 -18.56
C GLY A 47 4.45 -6.79 -19.68
N PHE A 48 3.16 -6.94 -19.40
CA PHE A 48 2.17 -6.86 -20.47
C PHE A 48 0.78 -6.53 -19.96
N THR A 49 -0.02 -6.00 -20.87
CA THR A 49 -1.44 -5.85 -20.64
C THR A 49 -2.16 -6.95 -21.42
N GLY A 50 -3.48 -7.00 -21.31
CA GLY A 50 -4.27 -8.00 -22.00
C GLY A 50 -5.27 -7.32 -22.90
N THR A 51 -5.40 -7.81 -24.13
CA THR A 51 -6.32 -7.22 -25.08
C THR A 51 -7.10 -8.28 -25.85
N HIS A 52 -8.04 -7.82 -26.67
CA HIS A 52 -8.80 -8.68 -27.56
C HIS A 52 -8.05 -9.11 -28.82
N ALA A 53 -6.76 -8.77 -28.90
CA ALA A 53 -5.90 -9.30 -29.95
C ALA A 53 -6.25 -8.80 -31.35
N HIS A 54 -6.71 -7.56 -31.43
CA HIS A 54 -6.88 -6.90 -32.72
C HIS A 54 -5.62 -6.09 -32.99
N LEU A 55 -4.90 -6.46 -34.03
CA LEU A 55 -3.58 -5.88 -34.29
C LEU A 55 -3.55 -4.33 -34.31
N PRO A 56 -4.49 -3.69 -35.02
CA PRO A 56 -4.33 -2.24 -35.13
C PRO A 56 -4.47 -1.50 -33.79
N SER A 57 -5.32 -1.96 -32.91
CA SER A 57 -5.43 -1.35 -31.58
C SER A 57 -4.29 -1.80 -30.65
N ASP A 58 -3.86 -3.05 -30.78
CA ASP A 58 -2.70 -3.51 -30.02
C ASP A 58 -1.49 -2.61 -30.28
N ARG A 59 -1.34 -2.20 -31.53
CA ARG A 59 -0.19 -1.39 -31.94
C ARG A 59 -0.21 0.01 -31.37
N LEU A 60 -1.38 0.51 -30.98
CA LEU A 60 -1.42 1.78 -30.27
C LEU A 60 -0.67 1.68 -28.95
N ILE A 61 -0.85 0.56 -28.25
CA ILE A 61 -0.17 0.33 -26.99
C ILE A 61 1.33 0.18 -27.20
N THR A 62 1.73 -0.64 -28.17
CA THR A 62 3.17 -0.84 -28.40
C THR A 62 3.85 0.44 -28.90
N SER A 63 3.16 1.22 -29.70
CA SER A 63 3.71 2.49 -30.19
C SER A 63 3.91 3.46 -29.03
N CYS A 64 2.98 3.49 -28.08
CA CYS A 64 3.18 4.29 -26.90
C CYS A 64 4.45 3.84 -26.18
N ILE A 65 4.62 2.53 -26.02
CA ILE A 65 5.82 2.02 -25.36
C ILE A 65 7.11 2.42 -26.09
N SER A 66 7.17 2.18 -27.40
CA SER A 66 8.40 2.42 -28.13
C SER A 66 8.66 3.90 -28.40
N ASP A 67 7.59 4.63 -28.74
CA ASP A 67 7.76 5.98 -29.26
C ASP A 67 7.74 7.03 -28.17
N CYS A 68 7.07 6.72 -27.07
CA CYS A 68 6.88 7.68 -26.00
C CYS A 68 7.59 7.31 -24.70
N TYR A 69 7.48 6.04 -24.28
CA TYR A 69 8.05 5.65 -22.99
C TYR A 69 9.54 5.27 -23.08
N ALA A 70 9.94 4.59 -24.15
CA ALA A 70 11.35 4.20 -24.29
C ALA A 70 12.33 5.36 -24.07
N PRO A 71 12.08 6.53 -24.70
CA PRO A 71 13.02 7.63 -24.47
C PRO A 71 13.08 8.08 -23.01
N LEU A 72 12.02 7.86 -22.25
CA LEU A 72 12.01 8.23 -20.84
C LEU A 72 12.64 7.17 -19.95
N LEU A 73 12.88 5.99 -20.51
CA LEU A 73 13.43 4.88 -19.73
C LEU A 73 14.90 4.61 -19.97
N LEU A 74 15.35 4.74 -21.22
CA LEU A 74 16.73 4.42 -21.56
C LEU A 74 17.68 5.23 -20.68
N GLY A 75 18.64 4.54 -20.06
CA GLY A 75 19.66 5.19 -19.26
C GLY A 75 19.27 5.34 -17.80
N GLU A 76 18.00 5.08 -17.48
CA GLU A 76 17.54 5.16 -16.09
C GLU A 76 17.84 3.89 -15.32
N ASP A 77 18.01 4.03 -14.01
CA ASP A 77 18.19 2.89 -13.14
C ASP A 77 16.85 2.16 -12.98
N ALA A 78 16.77 0.95 -13.53
CA ALA A 78 15.54 0.16 -13.43
C ALA A 78 15.11 -0.12 -12.00
N SER A 79 16.05 -0.09 -11.06
CA SER A 79 15.72 -0.32 -9.66
C SER A 79 14.71 0.72 -9.14
N ASP A 80 14.73 1.91 -9.75
CA ASP A 80 13.92 3.02 -9.26
C ASP A 80 12.48 2.93 -9.77
N HIS A 81 11.84 1.78 -9.56
CA HIS A 81 10.52 1.56 -10.16
C HIS A 81 9.44 2.54 -9.72
N SER A 82 9.52 3.02 -8.48
N SER A 82 9.51 3.01 -8.48
N SER A 82 9.51 3.03 -8.49
CA SER A 82 8.52 3.96 -7.98
CA SER A 82 8.52 3.96 -7.99
CA SER A 82 8.49 3.95 -8.00
C SER A 82 8.70 5.32 -8.62
C SER A 82 8.70 5.31 -8.67
C SER A 82 8.69 5.38 -8.53
N ARG A 83 9.94 5.80 -8.68
CA ARG A 83 10.23 7.07 -9.32
C ARG A 83 9.89 7.04 -10.81
N LEU A 84 10.19 5.91 -11.47
CA LEU A 84 9.93 5.80 -12.91
C LEU A 84 8.42 5.71 -13.20
N TRP A 85 7.66 5.10 -12.29
CA TRP A 85 6.21 5.08 -12.48
C TRP A 85 5.71 6.52 -12.63
N THR A 86 6.12 7.37 -11.69
CA THR A 86 5.71 8.76 -11.70
C THR A 86 6.23 9.50 -12.92
N LYS A 87 7.48 9.25 -13.31
CA LYS A 87 8.06 9.94 -14.44
C LYS A 87 7.23 9.69 -15.71
N LEU A 88 6.85 8.45 -15.94
CA LEU A 88 6.04 8.13 -17.11
C LEU A 88 4.58 8.56 -16.96
N ALA A 89 3.98 8.28 -15.80
CA ALA A 89 2.57 8.58 -15.61
C ALA A 89 2.27 10.07 -15.72
N ARG A 90 3.20 10.88 -15.21
CA ARG A 90 2.96 12.31 -15.12
C ARG A 90 3.66 13.11 -16.21
N TYR A 91 4.29 12.44 -17.18
CA TYR A 91 4.94 13.19 -18.25
C TYR A 91 3.86 14.05 -18.90
N PRO A 92 4.06 15.38 -18.93
CA PRO A 92 2.91 16.23 -19.26
C PRO A 92 2.19 15.95 -20.59
N SER A 93 2.91 15.77 -21.68
CA SER A 93 2.26 15.58 -22.96
C SER A 93 1.50 14.26 -23.00
N LEU A 94 1.96 13.30 -22.21
CA LEU A 94 1.35 11.98 -22.19
C LEU A 94 0.15 11.93 -21.25
N GLN A 95 0.29 12.49 -20.05
N GLN A 95 0.31 12.48 -20.06
CA GLN A 95 -0.85 12.49 -19.15
CA GLN A 95 -0.80 12.57 -19.10
C GLN A 95 -1.98 13.36 -19.71
C GLN A 95 -1.96 13.31 -19.75
N TRP A 96 -1.61 14.32 -20.56
CA TRP A 96 -2.61 15.15 -21.23
C TRP A 96 -3.58 14.30 -22.06
N VAL A 97 -3.07 13.22 -22.64
CA VAL A 97 -3.91 12.32 -23.43
C VAL A 97 -4.10 10.98 -22.70
N GLY A 98 -3.99 11.03 -21.37
CA GLY A 98 -3.96 9.84 -20.56
C GLY A 98 -4.75 9.90 -19.26
N ARG A 99 -4.17 9.32 -18.21
CA ARG A 99 -4.81 9.04 -16.91
C ARG A 99 -5.68 7.79 -16.98
N ALA A 100 -5.76 7.18 -18.15
CA ALA A 100 -6.65 6.06 -18.41
C ALA A 100 -6.45 5.68 -19.86
N GLY A 101 -6.96 4.52 -20.27
CA GLY A 101 -6.86 4.11 -21.65
C GLY A 101 -5.45 3.74 -22.08
N ILE A 102 -5.16 3.94 -23.36
CA ILE A 102 -3.93 3.42 -23.99
C ILE A 102 -2.66 3.73 -23.21
N THR A 103 -2.46 4.98 -22.83
CA THR A 103 -1.22 5.35 -22.15
C THR A 103 -1.07 4.61 -20.83
N HIS A 104 -2.17 4.44 -20.12
CA HIS A 104 -2.12 3.80 -18.82
C HIS A 104 -1.88 2.29 -18.94
N LEU A 105 -2.44 1.68 -19.98
CA LEU A 105 -2.20 0.27 -20.25
C LEU A 105 -0.73 0.04 -20.64
N ALA A 106 -0.17 0.96 -21.42
CA ALA A 106 1.25 0.85 -21.76
C ALA A 106 2.13 1.04 -20.52
N LEU A 107 1.72 1.94 -19.63
CA LEU A 107 2.40 2.14 -18.35
C LEU A 107 2.39 0.86 -17.53
N ALA A 108 1.24 0.20 -17.47
CA ALA A 108 1.15 -1.07 -16.77
C ALA A 108 2.18 -2.08 -17.25
N ALA A 109 2.31 -2.23 -18.57
CA ALA A 109 3.29 -3.17 -19.12
C ALA A 109 4.71 -2.84 -18.67
N VAL A 110 5.08 -1.56 -18.75
CA VAL A 110 6.40 -1.13 -18.32
C VAL A 110 6.62 -1.42 -16.85
N ASP A 111 5.64 -1.05 -16.03
CA ASP A 111 5.78 -1.22 -14.59
C ASP A 111 6.00 -2.67 -14.23
N VAL A 112 5.19 -3.57 -14.80
CA VAL A 112 5.34 -4.99 -14.52
C VAL A 112 6.73 -5.48 -14.92
N ALA A 113 7.24 -5.01 -16.07
CA ALA A 113 8.58 -5.37 -16.50
C ALA A 113 9.64 -4.93 -15.48
N LEU A 114 9.48 -3.74 -14.93
CA LEU A 114 10.47 -3.28 -13.94
C LEU A 114 10.45 -4.12 -12.67
N TRP A 115 9.27 -4.53 -12.24
CA TRP A 115 9.17 -5.42 -11.08
C TRP A 115 9.73 -6.82 -11.39
N ASP A 116 9.54 -7.30 -12.61
CA ASP A 116 10.09 -8.58 -13.02
C ASP A 116 11.62 -8.52 -12.93
N ILE A 117 12.19 -7.43 -13.41
CA ILE A 117 13.64 -7.19 -13.26
C ILE A 117 14.05 -7.19 -11.79
N LYS A 118 13.31 -6.47 -10.96
CA LYS A 118 13.66 -6.38 -9.55
C LYS A 118 13.77 -7.76 -8.91
N ALA A 119 12.76 -8.59 -9.16
CA ALA A 119 12.74 -9.92 -8.55
C ALA A 119 13.79 -10.83 -9.20
N LYS A 120 13.98 -10.73 -10.51
CA LYS A 120 15.04 -11.48 -11.17
C LYS A 120 16.42 -11.14 -10.62
N LYS A 121 16.70 -9.85 -10.46
CA LYS A 121 18.00 -9.44 -9.94
C LYS A 121 18.20 -9.95 -8.52
N ALA A 122 17.11 -9.98 -7.74
CA ALA A 122 17.17 -10.52 -6.38
C ALA A 122 17.25 -12.04 -6.34
N GLY A 123 16.98 -12.69 -7.47
CA GLY A 123 17.03 -14.13 -7.56
C GLY A 123 15.89 -14.89 -6.93
N VAL A 124 14.73 -14.24 -6.79
CA VAL A 124 13.59 -14.85 -6.11
C VAL A 124 12.28 -14.58 -6.85
N PRO A 125 11.27 -15.44 -6.63
CA PRO A 125 9.94 -15.11 -7.17
C PRO A 125 9.38 -13.88 -6.48
N LEU A 126 8.57 -13.12 -7.23
CA LEU A 126 8.02 -11.86 -6.76
C LEU A 126 7.30 -11.96 -5.41
N TRP A 127 6.50 -12.99 -5.17
CA TRP A 127 5.78 -13.09 -3.89
C TRP A 127 6.77 -13.13 -2.73
N HIS A 128 7.92 -13.75 -2.93
CA HIS A 128 8.95 -13.82 -1.90
C HIS A 128 9.64 -12.48 -1.76
N TYR A 129 10.00 -11.88 -2.89
CA TYR A 129 10.60 -10.55 -2.87
C TYR A 129 9.78 -9.57 -2.02
N LEU A 130 8.46 -9.62 -2.17
CA LEU A 130 7.58 -8.64 -1.54
C LEU A 130 7.43 -8.84 -0.04
N GLY A 131 7.82 -10.00 0.47
CA GLY A 131 7.81 -10.21 1.91
C GLY A 131 7.30 -11.56 2.39
N GLY A 132 7.02 -12.46 1.46
CA GLY A 132 6.69 -13.82 1.85
C GLY A 132 5.22 -14.16 1.73
N ALA A 133 4.90 -15.42 1.97
CA ALA A 133 3.56 -15.94 1.69
C ALA A 133 2.58 -15.74 2.83
N ARG A 134 1.37 -15.29 2.48
CA ARG A 134 0.30 -15.11 3.46
C ARG A 134 -0.58 -16.36 3.61
N THR A 135 -0.35 -17.34 2.74
CA THR A 135 -1.07 -18.61 2.80
C THR A 135 -0.24 -19.75 2.23
N ALA A 136 -0.51 -20.96 2.70
CA ALA A 136 0.14 -22.15 2.18
C ALA A 136 -0.44 -22.56 0.82
N GLY A 137 -1.62 -22.03 0.48
CA GLY A 137 -2.23 -22.41 -0.77
C GLY A 137 -3.33 -21.46 -1.20
N VAL A 138 -3.16 -20.83 -2.37
CA VAL A 138 -4.17 -19.94 -2.92
C VAL A 138 -5.20 -20.76 -3.69
N GLU A 139 -6.45 -20.71 -3.25
CA GLU A 139 -7.49 -21.48 -3.91
C GLU A 139 -7.93 -20.79 -5.19
N ALA A 140 -8.26 -21.60 -6.18
CA ALA A 140 -8.64 -21.13 -7.51
C ALA A 140 -10.14 -21.24 -7.73
N TYR A 141 -10.66 -20.37 -8.58
CA TYR A 141 -12.00 -20.57 -9.11
C TYR A 141 -11.97 -20.65 -10.61
N ASN A 142 -12.72 -21.60 -11.17
CA ASN A 142 -12.68 -21.85 -12.60
C ASN A 142 -13.70 -21.00 -13.35
N THR A 143 -13.19 -20.08 -14.17
CA THR A 143 -14.01 -19.22 -15.01
C THR A 143 -14.24 -19.82 -16.39
N ASP A 144 -13.32 -20.68 -16.81
CA ASP A 144 -13.29 -21.17 -18.19
C ASP A 144 -14.43 -22.12 -18.53
N ILE A 145 -15.12 -22.64 -17.51
CA ILE A 145 -16.26 -23.51 -17.77
C ILE A 145 -17.59 -22.75 -17.89
N GLY A 146 -17.55 -21.43 -17.71
CA GLY A 146 -18.78 -20.69 -17.52
C GLY A 146 -19.21 -19.67 -18.57
N TRP A 147 -18.55 -19.67 -19.72
CA TRP A 147 -18.82 -18.67 -20.77
C TRP A 147 -20.29 -18.63 -21.21
N LEU A 148 -20.75 -17.44 -21.54
CA LEU A 148 -22.17 -17.24 -21.87
C LEU A 148 -22.51 -17.97 -23.16
N SER A 149 -21.50 -18.21 -24.00
CA SER A 149 -21.72 -18.85 -25.30
C SER A 149 -22.02 -20.36 -25.18
N PHE A 150 -21.77 -20.93 -24.01
CA PHE A 150 -22.02 -22.36 -23.82
C PHE A 150 -23.50 -22.68 -23.75
N THR A 151 -23.92 -23.71 -24.47
CA THR A 151 -25.27 -24.22 -24.33
C THR A 151 -25.43 -24.74 -22.91
N LEU A 152 -26.67 -24.88 -22.44
CA LEU A 152 -26.89 -25.39 -21.10
C LEU A 152 -26.22 -26.75 -20.89
N GLU A 153 -26.35 -27.67 -21.84
N GLU A 153 -26.36 -27.67 -21.85
CA GLU A 153 -25.75 -28.99 -21.68
CA GLU A 153 -25.75 -28.98 -21.71
C GLU A 153 -24.23 -28.90 -21.54
C GLU A 153 -24.23 -28.87 -21.51
N ASP A 154 -23.60 -27.99 -22.28
CA ASP A 154 -22.15 -27.81 -22.19
C ASP A 154 -21.75 -27.09 -20.90
N LEU A 155 -22.56 -26.12 -20.47
CA LEU A 155 -22.33 -25.46 -19.17
C LEU A 155 -22.37 -26.49 -18.04
N LEU A 156 -23.38 -27.36 -18.07
CA LEU A 156 -23.54 -28.40 -17.05
C LEU A 156 -22.38 -29.39 -17.07
N ALA A 157 -22.04 -29.90 -18.25
CA ALA A 157 -20.98 -30.89 -18.35
C ALA A 157 -19.64 -30.34 -17.87
N GLY A 158 -19.33 -29.11 -18.26
CA GLY A 158 -18.05 -28.52 -17.89
C GLY A 158 -17.97 -28.16 -16.42
N SER A 159 -19.06 -27.61 -15.87
CA SER A 159 -19.13 -27.32 -14.46
C SER A 159 -18.93 -28.59 -13.65
N ALA A 160 -19.62 -29.65 -14.05
CA ALA A 160 -19.49 -30.92 -13.34
C ALA A 160 -18.09 -31.51 -13.47
N ARG A 161 -17.49 -31.40 -14.65
CA ARG A 161 -16.15 -31.92 -14.86
C ARG A 161 -15.15 -31.18 -13.97
N ALA A 162 -15.25 -29.85 -13.94
CA ALA A 162 -14.33 -29.06 -13.12
C ALA A 162 -14.39 -29.50 -11.66
N VAL A 163 -15.60 -29.76 -11.18
CA VAL A 163 -15.81 -30.10 -9.78
C VAL A 163 -15.51 -31.57 -9.51
N GLU A 164 -16.07 -32.45 -10.32
CA GLU A 164 -16.06 -33.88 -10.02
C GLU A 164 -14.80 -34.60 -10.50
N GLU A 165 -14.17 -34.06 -11.53
N GLU A 165 -14.17 -34.07 -11.54
CA GLU A 165 -12.94 -34.65 -12.09
CA GLU A 165 -12.93 -34.64 -12.03
C GLU A 165 -11.68 -33.85 -11.77
C GLU A 165 -11.71 -33.84 -11.59
N ASP A 166 -11.78 -32.53 -11.80
CA ASP A 166 -10.60 -31.68 -11.63
C ASP A 166 -10.41 -31.10 -10.23
N GLY A 167 -11.36 -31.33 -9.33
CA GLY A 167 -11.19 -30.94 -7.94
C GLY A 167 -11.37 -29.45 -7.61
N PHE A 168 -12.01 -28.71 -8.49
CA PHE A 168 -12.43 -27.35 -8.14
C PHE A 168 -13.62 -27.40 -7.20
N THR A 169 -13.68 -26.44 -6.27
CA THR A 169 -14.87 -26.27 -5.42
C THR A 169 -15.42 -24.86 -5.57
N ARG A 170 -14.91 -24.14 -6.56
CA ARG A 170 -15.29 -22.75 -6.82
C ARG A 170 -15.33 -22.51 -8.31
N LEU A 171 -16.43 -21.94 -8.80
CA LEU A 171 -16.68 -21.68 -10.21
C LEU A 171 -17.15 -20.23 -10.40
N LYS A 172 -16.99 -19.70 -11.61
CA LYS A 172 -17.64 -18.44 -11.97
C LYS A 172 -18.33 -18.63 -13.30
N ILE A 173 -19.62 -18.28 -13.34
CA ILE A 173 -20.45 -18.47 -14.51
C ILE A 173 -20.95 -17.13 -15.04
N LYS A 174 -20.84 -16.93 -16.35
CA LYS A 174 -21.32 -15.70 -16.94
C LYS A 174 -22.82 -15.63 -16.95
N VAL A 175 -23.32 -14.41 -16.72
CA VAL A 175 -24.71 -14.08 -16.98
C VAL A 175 -24.77 -12.88 -17.92
N GLY A 176 -25.96 -12.49 -18.35
CA GLY A 176 -26.06 -11.35 -19.23
C GLY A 176 -26.92 -11.53 -20.46
N HIS A 177 -27.80 -12.52 -20.45
CA HIS A 177 -28.83 -12.60 -21.49
C HIS A 177 -29.72 -11.38 -21.41
N ASP A 178 -30.35 -11.03 -22.51
CA ASP A 178 -31.22 -9.86 -22.50
C ASP A 178 -32.32 -10.03 -21.44
N ASP A 179 -32.88 -11.23 -21.35
CA ASP A 179 -33.82 -11.59 -20.29
C ASP A 179 -33.07 -12.39 -19.23
N PRO A 180 -32.84 -11.77 -18.06
CA PRO A 180 -32.05 -12.44 -17.03
C PRO A 180 -32.69 -13.72 -16.52
N ASN A 181 -33.97 -13.94 -16.77
CA ASN A 181 -34.57 -15.20 -16.34
C ASN A 181 -33.96 -16.41 -17.04
N ILE A 182 -33.36 -16.20 -18.20
CA ILE A 182 -32.63 -17.28 -18.87
C ILE A 182 -31.41 -17.63 -18.04
N ASP A 183 -30.75 -16.62 -17.49
CA ASP A 183 -29.63 -16.85 -16.60
C ASP A 183 -30.06 -17.51 -15.29
N ILE A 184 -31.19 -17.10 -14.74
CA ILE A 184 -31.72 -17.81 -13.57
C ILE A 184 -31.92 -19.29 -13.89
N ALA A 185 -32.45 -19.59 -15.07
CA ALA A 185 -32.66 -20.98 -15.46
C ALA A 185 -31.36 -21.75 -15.55
N ARG A 186 -30.36 -21.15 -16.16
CA ARG A 186 -29.06 -21.80 -16.30
C ARG A 186 -28.43 -22.07 -14.94
N LEU A 187 -28.43 -21.06 -14.06
CA LEU A 187 -27.82 -21.21 -12.75
C LEU A 187 -28.58 -22.21 -11.90
N THR A 188 -29.90 -22.24 -12.06
CA THR A 188 -30.70 -23.19 -11.31
C THR A 188 -30.31 -24.61 -11.73
N ALA A 189 -30.12 -24.82 -13.03
CA ALA A 189 -29.72 -26.13 -13.54
C ALA A 189 -28.34 -26.54 -13.02
N VAL A 190 -27.39 -25.61 -13.01
CA VAL A 190 -26.06 -25.92 -12.49
C VAL A 190 -26.12 -26.26 -11.01
N ARG A 191 -26.88 -25.48 -10.25
CA ARG A 191 -27.05 -25.73 -8.82
C ARG A 191 -27.64 -27.10 -8.53
N GLU A 192 -28.54 -27.54 -9.40
CA GLU A 192 -29.15 -28.85 -9.21
C GLU A 192 -28.17 -29.97 -9.55
N ARG A 193 -27.30 -29.72 -10.51
CA ARG A 193 -26.37 -30.73 -11.01
C ARG A 193 -25.18 -30.97 -10.10
N VAL A 194 -24.57 -29.89 -9.60
CA VAL A 194 -23.37 -30.01 -8.80
C VAL A 194 -23.65 -29.99 -7.30
N ASP A 195 -22.71 -30.49 -6.52
CA ASP A 195 -22.86 -30.54 -5.07
C ASP A 195 -23.05 -29.14 -4.48
N SER A 196 -23.78 -29.06 -3.37
CA SER A 196 -24.07 -27.78 -2.73
C SER A 196 -22.82 -27.09 -2.20
N ALA A 197 -21.77 -27.85 -1.96
CA ALA A 197 -20.52 -27.29 -1.44
C ALA A 197 -19.71 -26.57 -2.52
N VAL A 198 -20.21 -26.54 -3.74
CA VAL A 198 -19.53 -25.79 -4.78
C VAL A 198 -19.94 -24.33 -4.69
N ARG A 199 -18.94 -23.45 -4.60
CA ARG A 199 -19.19 -22.01 -4.62
C ARG A 199 -19.32 -21.54 -6.06
N ILE A 200 -20.35 -20.74 -6.34
CA ILE A 200 -20.61 -20.27 -7.70
C ILE A 200 -20.79 -18.76 -7.70
N ALA A 201 -19.82 -18.08 -8.29
CA ALA A 201 -19.90 -16.64 -8.51
C ALA A 201 -20.42 -16.42 -9.92
N ILE A 202 -20.91 -15.21 -10.20
CA ILE A 202 -21.41 -14.89 -11.53
C ILE A 202 -20.83 -13.56 -12.01
N ASP A 203 -20.96 -13.30 -13.29
CA ASP A 203 -20.31 -12.13 -13.90
C ASP A 203 -21.15 -11.64 -15.05
N GLY A 204 -21.60 -10.39 -14.97
CA GLY A 204 -22.47 -9.83 -16.00
C GLY A 204 -21.76 -8.95 -17.01
N ASN A 205 -20.47 -8.71 -16.81
CA ASN A 205 -19.70 -7.89 -17.74
C ASN A 205 -20.37 -6.58 -18.11
N GLY A 206 -20.99 -5.92 -17.13
CA GLY A 206 -21.52 -4.59 -17.32
C GLY A 206 -22.71 -4.49 -18.25
N LYS A 207 -23.44 -5.59 -18.43
CA LYS A 207 -24.50 -5.64 -19.45
C LYS A 207 -25.84 -5.05 -19.06
N TRP A 208 -26.13 -4.99 -17.76
CA TRP A 208 -27.48 -4.65 -17.33
C TRP A 208 -27.56 -3.29 -16.64
N ASP A 209 -28.78 -2.80 -16.49
CA ASP A 209 -29.02 -1.57 -15.75
C ASP A 209 -29.49 -1.88 -14.32
N LEU A 210 -29.65 -0.84 -13.53
CA LEU A 210 -29.98 -1.02 -12.12
C LEU A 210 -31.28 -1.78 -11.89
N PRO A 211 -32.38 -1.36 -12.53
CA PRO A 211 -33.62 -2.09 -12.23
C PRO A 211 -33.54 -3.57 -12.64
N THR A 212 -32.92 -3.84 -13.78
CA THR A 212 -32.76 -5.23 -14.23
C THR A 212 -32.00 -6.03 -13.17
N CYS A 213 -30.92 -5.46 -12.67
CA CYS A 213 -30.13 -6.13 -11.65
C CYS A 213 -30.92 -6.34 -10.36
N GLN A 214 -31.72 -5.37 -9.95
CA GLN A 214 -32.52 -5.55 -8.74
C GLN A 214 -33.42 -6.76 -8.88
N ARG A 215 -34.11 -6.86 -10.01
CA ARG A 215 -35.02 -7.99 -10.21
C ARG A 215 -34.27 -9.31 -10.28
N PHE A 216 -33.16 -9.33 -11.00
CA PHE A 216 -32.39 -10.56 -11.10
C PHE A 216 -31.87 -11.03 -9.74
N CYS A 217 -31.34 -10.10 -8.96
CA CYS A 217 -30.79 -10.49 -7.67
C CYS A 217 -31.85 -11.07 -6.75
N ALA A 218 -33.05 -10.50 -6.78
CA ALA A 218 -34.14 -11.01 -5.98
C ALA A 218 -34.53 -12.41 -6.46
N ALA A 219 -34.54 -12.59 -7.78
CA ALA A 219 -34.86 -13.91 -8.35
C ALA A 219 -33.78 -14.97 -8.05
N ALA A 220 -32.56 -14.52 -7.78
CA ALA A 220 -31.45 -15.42 -7.49
C ALA A 220 -31.27 -15.67 -6.01
N LYS A 221 -32.27 -15.24 -5.23
CA LYS A 221 -32.17 -15.25 -3.77
C LYS A 221 -31.84 -16.62 -3.18
N ASP A 222 -32.28 -17.69 -3.84
CA ASP A 222 -32.04 -19.04 -3.30
C ASP A 222 -30.97 -19.84 -4.03
N LEU A 223 -30.21 -19.19 -4.91
CA LEU A 223 -29.19 -19.88 -5.71
C LEU A 223 -27.79 -19.87 -5.10
N ASP A 224 -27.66 -19.29 -3.91
CA ASP A 224 -26.37 -19.21 -3.22
C ASP A 224 -25.26 -18.66 -4.12
N ILE A 225 -25.49 -17.46 -4.64
CA ILE A 225 -24.51 -16.78 -5.51
C ILE A 225 -23.41 -16.15 -4.68
N TYR A 226 -22.16 -16.52 -4.96
CA TYR A 226 -21.02 -16.12 -4.15
C TYR A 226 -20.73 -14.63 -4.30
N TRP A 227 -20.74 -14.16 -5.54
CA TRP A 227 -20.67 -12.72 -5.82
C TRP A 227 -21.22 -12.46 -7.20
N PHE A 228 -21.57 -11.21 -7.46
CA PHE A 228 -22.06 -10.76 -8.76
C PHE A 228 -21.07 -9.75 -9.28
N GLU A 229 -20.28 -10.15 -10.27
CA GLU A 229 -19.20 -9.34 -10.80
C GLU A 229 -19.69 -8.44 -11.92
N GLU A 230 -19.23 -7.19 -11.91
CA GLU A 230 -19.61 -6.19 -12.92
C GLU A 230 -21.08 -6.25 -13.33
N PRO A 231 -21.98 -6.03 -12.38
CA PRO A 231 -23.40 -6.12 -12.72
C PRO A 231 -23.86 -4.95 -13.59
N LEU A 232 -23.20 -3.81 -13.44
CA LEU A 232 -23.67 -2.54 -13.98
C LEU A 232 -22.60 -1.81 -14.79
N TRP A 233 -22.95 -0.66 -15.35
CA TRP A 233 -22.00 0.06 -16.20
C TRP A 233 -20.74 0.43 -15.44
N TYR A 234 -19.59 0.30 -16.08
CA TYR A 234 -18.33 0.29 -15.32
C TYR A 234 -18.03 1.56 -14.57
N ASP A 235 -18.50 2.69 -15.09
CA ASP A 235 -18.15 4.00 -14.54
C ASP A 235 -19.25 4.61 -13.69
N ASP A 236 -20.26 3.80 -13.38
CA ASP A 236 -21.44 4.27 -12.67
C ASP A 236 -21.40 3.80 -11.20
N VAL A 237 -20.84 4.62 -10.30
CA VAL A 237 -20.70 4.24 -8.90
C VAL A 237 -22.04 4.15 -8.21
N THR A 238 -22.89 5.13 -8.42
CA THR A 238 -24.15 5.21 -7.67
C THR A 238 -25.06 4.02 -7.93
N SER A 239 -25.14 3.55 -9.18
CA SER A 239 -25.99 2.40 -9.44
C SER A 239 -25.49 1.19 -8.66
N HIS A 240 -24.17 1.01 -8.60
CA HIS A 240 -23.62 -0.11 -7.84
C HIS A 240 -23.91 0.04 -6.34
N ALA A 241 -23.81 1.26 -5.82
CA ALA A 241 -24.10 1.48 -4.42
C ALA A 241 -25.55 1.14 -4.10
N ARG A 242 -26.46 1.56 -4.98
CA ARG A 242 -27.88 1.29 -4.75
C ARG A 242 -28.18 -0.21 -4.84
N LEU A 243 -27.56 -0.88 -5.81
CA LEU A 243 -27.75 -2.31 -5.93
C LEU A 243 -27.24 -3.03 -4.69
N ALA A 244 -26.04 -2.66 -4.23
CA ALA A 244 -25.44 -3.33 -3.09
C ALA A 244 -26.33 -3.26 -1.85
N ARG A 245 -27.06 -2.16 -1.69
CA ARG A 245 -27.98 -2.00 -0.56
C ARG A 245 -29.30 -2.75 -0.74
N ASN A 246 -29.63 -3.11 -1.97
CA ASN A 246 -30.92 -3.70 -2.31
C ASN A 246 -30.92 -5.24 -2.25
N THR A 247 -29.73 -5.84 -2.18
CA THR A 247 -29.60 -7.29 -2.19
C THR A 247 -28.53 -7.74 -1.19
N SER A 248 -28.61 -8.99 -0.75
CA SER A 248 -27.56 -9.60 0.03
C SER A 248 -26.45 -10.18 -0.83
N ILE A 249 -26.67 -10.28 -2.14
CA ILE A 249 -25.62 -10.83 -3.00
C ILE A 249 -24.47 -9.83 -3.08
N PRO A 250 -23.24 -10.27 -2.78
CA PRO A 250 -22.10 -9.36 -2.83
C PRO A 250 -21.75 -8.89 -4.23
N ILE A 251 -21.34 -7.62 -4.34
N ILE A 251 -21.36 -7.61 -4.35
CA ILE A 251 -20.93 -7.07 -5.62
CA ILE A 251 -20.92 -7.07 -5.62
C ILE A 251 -19.42 -7.10 -5.77
C ILE A 251 -19.40 -7.15 -5.74
N ALA A 252 -18.93 -7.57 -6.92
CA ALA A 252 -17.51 -7.61 -7.23
C ALA A 252 -17.27 -6.72 -8.44
N LEU A 253 -16.20 -5.93 -8.41
CA LEU A 253 -15.82 -5.17 -9.61
C LEU A 253 -14.40 -4.68 -9.48
N GLY A 254 -13.89 -4.13 -10.56
CA GLY A 254 -12.56 -3.53 -10.57
C GLY A 254 -11.81 -3.77 -11.87
N GLU A 255 -12.21 -4.80 -12.62
N GLU A 255 -12.18 -4.78 -12.64
CA GLU A 255 -11.56 -5.21 -13.86
CA GLU A 255 -11.36 -5.14 -13.79
C GLU A 255 -11.35 -4.05 -14.82
C GLU A 255 -11.36 -4.07 -14.88
N GLN A 256 -12.32 -3.14 -14.84
CA GLN A 256 -12.34 -2.06 -15.82
C GLN A 256 -11.90 -0.72 -15.26
N LEU A 257 -11.49 -0.67 -13.99
CA LEU A 257 -11.08 0.59 -13.37
C LEU A 257 -9.60 0.85 -13.56
N TYR A 258 -9.28 2.04 -14.08
CA TYR A 258 -7.91 2.35 -14.43
C TYR A 258 -7.06 2.92 -13.29
N THR A 259 -7.69 3.52 -12.28
CA THR A 259 -6.92 4.26 -11.30
C THR A 259 -7.30 3.96 -9.86
N VAL A 260 -6.37 4.24 -8.98
CA VAL A 260 -6.65 4.16 -7.55
C VAL A 260 -7.82 5.09 -7.19
N ASP A 261 -7.93 6.24 -7.87
CA ASP A 261 -9.01 7.17 -7.60
C ASP A 261 -10.38 6.52 -7.83
N ALA A 262 -10.51 5.79 -8.93
CA ALA A 262 -11.77 5.14 -9.24
C ALA A 262 -12.10 4.09 -8.18
N PHE A 263 -11.10 3.32 -7.78
CA PHE A 263 -11.34 2.34 -6.72
C PHE A 263 -11.77 2.99 -5.42
N ARG A 264 -11.15 4.11 -5.08
CA ARG A 264 -11.54 4.82 -3.85
C ARG A 264 -13.01 5.23 -3.92
N SER A 265 -13.43 5.73 -5.07
N SER A 265 -13.42 5.73 -5.09
CA SER A 265 -14.83 6.15 -5.22
CA SER A 265 -14.79 6.15 -5.29
C SER A 265 -15.81 5.00 -5.00
C SER A 265 -15.79 5.01 -5.01
N PHE A 266 -15.52 3.85 -5.61
CA PHE A 266 -16.39 2.69 -5.45
C PHE A 266 -16.34 2.13 -4.04
N ILE A 267 -15.14 1.99 -3.47
CA ILE A 267 -15.02 1.39 -2.15
C ILE A 267 -15.68 2.26 -1.08
N ASP A 268 -15.43 3.56 -1.12
CA ASP A 268 -15.97 4.42 -0.08
C ASP A 268 -17.49 4.55 -0.18
N ALA A 269 -18.05 4.31 -1.36
CA ALA A 269 -19.51 4.41 -1.54
C ALA A 269 -20.25 3.14 -1.14
N GLY A 270 -19.50 2.10 -0.78
CA GLY A 270 -20.10 0.81 -0.47
C GLY A 270 -20.61 0.14 -1.73
N ALA A 271 -19.99 0.44 -2.86
CA ALA A 271 -20.42 -0.05 -4.17
C ALA A 271 -19.73 -1.34 -4.58
N VAL A 272 -18.79 -1.80 -3.77
CA VAL A 272 -18.06 -3.04 -4.07
C VAL A 272 -17.66 -3.73 -2.78
N ALA A 273 -17.83 -5.05 -2.74
CA ALA A 273 -17.41 -5.86 -1.60
C ALA A 273 -16.19 -6.71 -1.96
N TYR A 274 -16.18 -7.26 -3.18
CA TYR A 274 -15.04 -8.02 -3.67
C TYR A 274 -14.24 -7.16 -4.63
N VAL A 275 -13.06 -6.72 -4.18
CA VAL A 275 -12.29 -5.72 -4.91
C VAL A 275 -11.38 -6.41 -5.92
N GLN A 276 -11.47 -6.02 -7.19
CA GLN A 276 -10.75 -6.74 -8.25
C GLN A 276 -9.75 -5.90 -9.03
N PRO A 277 -8.64 -5.54 -8.39
CA PRO A 277 -7.59 -4.84 -9.15
C PRO A 277 -7.00 -5.78 -10.19
N ASP A 278 -6.38 -5.20 -11.21
CA ASP A 278 -5.79 -5.96 -12.30
C ASP A 278 -4.55 -5.20 -12.76
N VAL A 279 -3.38 -5.82 -12.63
CA VAL A 279 -2.13 -5.14 -12.99
C VAL A 279 -2.09 -4.74 -14.46
N THR A 280 -2.93 -5.35 -15.29
CA THR A 280 -2.99 -5.00 -16.72
C THR A 280 -3.89 -3.81 -17.03
N ARG A 281 -4.64 -3.32 -16.03
CA ARG A 281 -5.62 -2.24 -16.22
C ARG A 281 -5.25 -1.02 -15.39
N LEU A 282 -4.99 -1.24 -14.10
CA LEU A 282 -4.30 -0.26 -13.28
C LEU A 282 -2.89 -0.13 -13.81
N GLY A 283 -2.17 0.83 -13.27
CA GLY A 283 -0.78 1.05 -13.63
C GLY A 283 0.16 0.03 -13.01
N GLY A 284 -0.03 -1.23 -13.40
CA GLY A 284 0.89 -2.27 -13.01
C GLY A 284 0.80 -2.71 -11.57
N ILE A 285 1.84 -3.42 -11.13
CA ILE A 285 2.00 -3.87 -9.76
C ILE A 285 2.03 -2.66 -8.79
N THR A 286 2.68 -1.58 -9.20
CA THR A 286 2.80 -0.41 -8.34
C THR A 286 1.43 0.10 -7.89
N GLU A 287 0.54 0.32 -8.86
CA GLU A 287 -0.79 0.81 -8.51
C GLU A 287 -1.67 -0.28 -7.90
N TYR A 288 -1.48 -1.53 -8.32
CA TYR A 288 -2.20 -2.66 -7.74
C TYR A 288 -2.01 -2.69 -6.21
N ILE A 289 -0.78 -2.52 -5.76
CA ILE A 289 -0.49 -2.60 -4.33
C ILE A 289 -1.20 -1.48 -3.58
N GLN A 290 -1.27 -0.30 -4.18
CA GLN A 290 -2.01 0.81 -3.57
C GLN A 290 -3.47 0.47 -3.37
N VAL A 291 -4.09 -0.11 -4.40
CA VAL A 291 -5.48 -0.51 -4.33
C VAL A 291 -5.69 -1.66 -3.35
N ALA A 292 -4.77 -2.64 -3.33
CA ALA A 292 -4.89 -3.74 -2.38
C ALA A 292 -4.79 -3.23 -0.95
N ASP A 293 -3.93 -2.24 -0.72
CA ASP A 293 -3.81 -1.65 0.61
C ASP A 293 -5.07 -0.87 1.00
N LEU A 294 -5.67 -0.17 0.03
CA LEU A 294 -6.94 0.48 0.23
C LEU A 294 -8.03 -0.52 0.64
N ALA A 295 -8.09 -1.67 -0.06
CA ALA A 295 -9.06 -2.70 0.27
C ALA A 295 -8.79 -3.24 1.69
N LEU A 296 -7.51 -3.49 2.00
CA LEU A 296 -7.14 -3.97 3.32
C LEU A 296 -7.65 -3.02 4.42
N ALA A 297 -7.53 -1.71 4.18
CA ALA A 297 -7.96 -0.73 5.16
C ALA A 297 -9.45 -0.82 5.47
N HIS A 298 -10.21 -1.30 4.49
CA HIS A 298 -11.65 -1.52 4.61
C HIS A 298 -12.01 -2.96 4.95
N ARG A 299 -10.98 -3.78 5.18
CA ARG A 299 -11.17 -5.20 5.49
C ARG A 299 -12.01 -5.91 4.42
N LEU A 300 -11.80 -5.49 3.19
CA LEU A 300 -12.44 -6.14 2.04
C LEU A 300 -11.47 -7.06 1.32
N PRO A 301 -11.99 -8.18 0.80
CA PRO A 301 -11.13 -9.16 0.11
C PRO A 301 -10.69 -8.69 -1.26
N VAL A 302 -9.46 -9.05 -1.61
CA VAL A 302 -8.86 -8.74 -2.89
C VAL A 302 -8.81 -10.00 -3.75
N VAL A 303 -9.51 -9.93 -4.88
CA VAL A 303 -9.66 -11.06 -5.80
C VAL A 303 -9.43 -10.54 -7.21
N PRO A 304 -8.16 -10.52 -7.63
CA PRO A 304 -7.84 -9.80 -8.86
C PRO A 304 -8.36 -10.45 -10.13
N HIS A 305 -8.74 -9.62 -11.09
CA HIS A 305 -9.22 -10.11 -12.37
C HIS A 305 -8.06 -10.56 -13.27
N ALA A 306 -8.26 -11.70 -13.95
CA ALA A 306 -7.21 -12.34 -14.73
C ALA A 306 -6.93 -11.70 -16.10
N GLY A 307 -6.65 -10.41 -16.15
CA GLY A 307 -6.27 -9.76 -17.40
C GLY A 307 -4.92 -10.21 -17.92
N GLU A 308 -4.13 -10.80 -17.04
CA GLU A 308 -2.84 -11.41 -17.39
C GLU A 308 -2.91 -12.91 -17.13
N MET A 309 -4.13 -13.43 -17.11
CA MET A 309 -4.39 -14.86 -16.90
C MET A 309 -3.72 -15.41 -15.64
N SER A 310 -3.62 -14.53 -14.64
CA SER A 310 -3.06 -14.85 -13.32
C SER A 310 -1.56 -15.13 -13.27
N GLN A 311 -0.85 -14.96 -14.39
CA GLN A 311 0.61 -15.11 -14.36
C GLN A 311 1.29 -14.20 -13.33
N VAL A 312 0.77 -12.98 -13.15
CA VAL A 312 1.35 -12.05 -12.18
C VAL A 312 0.58 -12.13 -10.88
N HIS A 313 -0.73 -12.23 -10.99
CA HIS A 313 -1.57 -12.20 -9.81
C HIS A 313 -1.36 -13.39 -8.86
N VAL A 314 -0.87 -14.51 -9.38
CA VAL A 314 -0.56 -15.63 -8.49
C VAL A 314 0.46 -15.17 -7.43
N HIS A 315 1.43 -14.35 -7.83
CA HIS A 315 2.39 -13.82 -6.87
C HIS A 315 1.72 -12.89 -5.90
N LEU A 316 0.92 -11.96 -6.42
CA LEU A 316 0.34 -10.96 -5.55
C LEU A 316 -0.66 -11.56 -4.57
N SER A 317 -1.34 -12.62 -5.00
N SER A 317 -1.37 -12.60 -4.98
CA SER A 317 -2.32 -13.29 -4.14
CA SER A 317 -2.31 -13.24 -4.08
C SER A 317 -1.68 -14.23 -3.13
C SER A 317 -1.62 -14.14 -3.06
N TYR A 318 -0.47 -14.72 -3.43
CA TYR A 318 0.30 -15.49 -2.47
C TYR A 318 0.88 -14.57 -1.38
N TRP A 319 1.04 -13.28 -1.72
CA TRP A 319 1.70 -12.34 -0.83
C TRP A 319 0.77 -11.39 -0.05
N HIS A 320 -0.10 -10.67 -0.76
CA HIS A 320 -0.81 -9.59 -0.09
C HIS A 320 -1.85 -10.11 0.88
N PRO A 321 -1.82 -9.62 2.13
CA PRO A 321 -2.65 -10.26 3.15
C PRO A 321 -4.16 -10.06 3.01
N ALA A 322 -4.61 -9.13 2.15
CA ALA A 322 -6.04 -9.00 1.92
C ALA A 322 -6.55 -9.97 0.87
N SER A 323 -5.62 -10.70 0.24
CA SER A 323 -5.98 -11.62 -0.82
C SER A 323 -6.77 -12.82 -0.29
N THR A 324 -7.67 -13.34 -1.12
CA THR A 324 -8.35 -14.58 -0.79
C THR A 324 -8.19 -15.62 -1.90
N ILE A 325 -9.12 -15.66 -2.84
CA ILE A 325 -9.09 -16.66 -3.90
C ILE A 325 -8.65 -16.06 -5.25
N LEU A 326 -8.39 -16.92 -6.23
CA LEU A 326 -7.78 -16.44 -7.48
C LEU A 326 -8.42 -17.06 -8.73
N GLU A 327 -8.81 -16.19 -9.65
CA GLU A 327 -9.41 -16.58 -10.91
C GLU A 327 -8.46 -17.50 -11.69
N TYR A 328 -9.04 -18.51 -12.34
CA TYR A 328 -8.29 -19.42 -13.20
C TYR A 328 -8.93 -19.53 -14.57
N ILE A 329 -8.12 -19.19 -15.58
CA ILE A 329 -8.42 -19.37 -16.99
C ILE A 329 -7.12 -19.91 -17.60
N PRO A 330 -7.17 -21.09 -18.23
CA PRO A 330 -5.93 -21.80 -18.62
C PRO A 330 -5.40 -21.46 -20.02
N TRP A 331 -5.94 -20.43 -20.66
CA TRP A 331 -5.67 -20.20 -22.08
C TRP A 331 -4.21 -20.09 -22.47
N ILE A 332 -3.42 -19.36 -21.68
CA ILE A 332 -2.09 -18.97 -22.13
C ILE A 332 -0.95 -19.53 -21.30
N LYS A 333 -1.28 -20.22 -20.21
CA LYS A 333 -0.25 -20.61 -19.25
C LYS A 333 0.92 -21.39 -19.87
N ASP A 334 0.64 -22.23 -20.86
CA ASP A 334 1.67 -23.12 -21.38
C ASP A 334 2.68 -22.36 -22.25
N HIS A 335 2.43 -21.07 -22.47
CA HIS A 335 3.34 -20.26 -23.27
C HIS A 335 4.36 -19.51 -22.42
N PHE A 336 4.40 -19.82 -21.12
CA PHE A 336 5.30 -19.14 -20.21
C PHE A 336 6.40 -20.03 -19.64
N GLU A 337 7.55 -19.44 -19.31
CA GLU A 337 8.63 -20.18 -18.68
C GLU A 337 8.19 -20.80 -17.35
N GLU A 338 7.32 -20.10 -16.61
CA GLU A 338 6.67 -20.67 -15.43
C GLU A 338 5.16 -20.52 -15.53
N PRO A 339 4.53 -21.50 -16.17
CA PRO A 339 3.07 -21.51 -16.26
C PRO A 339 2.44 -21.51 -14.86
N ILE A 340 1.34 -20.80 -14.67
CA ILE A 340 0.52 -21.10 -13.51
C ILE A 340 0.10 -22.57 -13.61
N HIS A 341 -0.20 -23.17 -12.46
CA HIS A 341 -0.68 -24.54 -12.45
C HIS A 341 -1.61 -24.71 -11.28
N VAL A 342 -2.75 -25.32 -11.53
CA VAL A 342 -3.72 -25.55 -10.50
C VAL A 342 -3.96 -27.05 -10.38
N ARG A 343 -3.84 -27.56 -9.15
CA ARG A 343 -4.15 -28.96 -8.88
C ARG A 343 -5.07 -29.02 -7.66
N ASP A 344 -6.13 -29.80 -7.78
CA ASP A 344 -7.11 -29.93 -6.70
C ASP A 344 -7.58 -28.57 -6.21
N GLY A 345 -7.80 -27.66 -7.16
CA GLY A 345 -8.35 -26.35 -6.86
C GLY A 345 -7.39 -25.39 -6.17
N VAL A 346 -6.10 -25.69 -6.18
CA VAL A 346 -5.12 -24.84 -5.50
C VAL A 346 -3.99 -24.46 -6.46
N TYR A 347 -3.64 -23.17 -6.49
CA TYR A 347 -2.50 -22.72 -7.29
C TYR A 347 -1.17 -23.18 -6.73
N LYS A 348 -0.29 -23.63 -7.61
CA LYS A 348 1.10 -23.89 -7.28
C LYS A 348 1.77 -22.57 -6.90
N ARG A 349 2.62 -22.59 -5.88
CA ARG A 349 3.34 -21.37 -5.51
C ARG A 349 4.52 -21.21 -6.46
N PRO A 350 4.65 -20.04 -7.11
CA PRO A 350 5.75 -19.84 -8.07
C PRO A 350 7.13 -20.04 -7.45
N GLU A 351 8.07 -20.56 -8.25
CA GLU A 351 9.42 -20.87 -7.75
C GLU A 351 10.54 -20.07 -8.43
N GLN A 352 10.33 -19.69 -9.69
CA GLN A 352 11.40 -19.07 -10.48
C GLN A 352 11.59 -17.60 -10.16
N PRO A 353 12.82 -17.09 -10.30
CA PRO A 353 13.00 -15.66 -10.10
C PRO A 353 12.12 -14.84 -11.04
N GLY A 354 11.55 -13.76 -10.54
CA GLY A 354 10.75 -12.88 -11.37
C GLY A 354 9.26 -12.95 -11.09
N ALA A 355 8.48 -12.41 -12.02
CA ALA A 355 7.03 -12.28 -11.84
C ALA A 355 6.26 -13.24 -12.75
N SER A 356 6.94 -14.30 -13.21
CA SER A 356 6.39 -15.26 -14.17
C SER A 356 5.66 -14.65 -15.36
N THR A 357 6.31 -13.64 -15.94
CA THR A 357 5.81 -12.95 -17.12
C THR A 357 6.64 -13.27 -18.36
N THR A 358 7.69 -14.07 -18.22
CA THR A 358 8.56 -14.38 -19.35
C THR A 358 7.97 -15.46 -20.25
N PRO A 359 7.65 -15.11 -21.51
CA PRO A 359 7.10 -16.11 -22.43
C PRO A 359 8.17 -17.00 -23.02
N LEU A 360 7.78 -18.18 -23.48
CA LEU A 360 8.65 -19.09 -24.21
C LEU A 360 8.95 -18.56 -25.61
N ALA A 361 10.12 -18.91 -26.11
CA ALA A 361 10.47 -18.59 -27.48
C ALA A 361 9.40 -19.01 -28.50
N GLU A 362 8.83 -20.20 -28.31
CA GLU A 362 7.82 -20.68 -29.26
C GLU A 362 6.65 -19.73 -29.40
N SER A 363 6.29 -19.04 -28.31
CA SER A 363 5.14 -18.16 -28.36
C SER A 363 5.37 -17.01 -29.35
N PHE A 364 6.56 -16.42 -29.32
CA PHE A 364 6.89 -15.36 -30.26
C PHE A 364 6.95 -15.91 -31.69
N THR A 365 7.57 -17.07 -31.86
CA THR A 365 7.70 -17.67 -33.17
C THR A 365 6.36 -17.98 -33.82
N ARG A 366 5.46 -18.56 -33.05
CA ARG A 366 4.18 -19.02 -33.58
C ARG A 366 3.07 -17.97 -33.57
N TYR A 367 3.13 -17.04 -32.61
CA TYR A 367 2.00 -16.15 -32.36
C TYR A 367 2.38 -14.68 -32.26
N GLY A 368 3.66 -14.37 -32.46
CA GLY A 368 4.12 -13.00 -32.40
C GLY A 368 3.71 -12.21 -33.62
N LYS A 369 3.36 -10.95 -33.41
CA LYS A 369 2.94 -10.04 -34.49
C LYS A 369 3.84 -8.82 -34.56
N ALA A 370 4.07 -8.33 -35.78
CA ALA A 370 4.93 -7.17 -35.98
C ALA A 370 4.29 -5.94 -35.36
N VAL A 371 5.08 -5.17 -34.62
CA VAL A 371 4.55 -4.00 -33.92
C VAL A 371 4.45 -2.79 -34.84
N LYS A 372 5.26 -2.75 -35.88
CA LYS A 372 5.20 -1.67 -36.87
C LYS A 372 4.95 -2.24 -38.27
N MET B 1 17.48 -14.67 5.27
CA MET B 1 18.39 -15.50 6.08
C MET B 1 17.74 -15.76 7.44
N LYS B 2 18.09 -16.88 8.06
CA LYS B 2 17.46 -17.26 9.32
C LYS B 2 17.82 -16.31 10.46
N ILE B 3 16.81 -15.98 11.26
CA ILE B 3 17.00 -15.22 12.48
C ILE B 3 17.66 -16.10 13.54
N THR B 4 18.78 -15.64 14.08
CA THR B 4 19.52 -16.41 15.09
C THR B 4 19.47 -15.79 16.49
N ALA B 5 19.12 -14.50 16.58
CA ALA B 5 19.00 -13.85 17.88
C ALA B 5 18.07 -12.66 17.82
N VAL B 6 17.36 -12.43 18.92
CA VAL B 6 16.49 -11.28 19.08
C VAL B 6 16.78 -10.73 20.47
N GLU B 7 17.28 -9.51 20.54
CA GLU B 7 17.69 -8.93 21.81
C GLU B 7 17.07 -7.55 21.96
N PRO B 8 16.20 -7.38 22.96
CA PRO B 8 15.65 -6.06 23.20
C PRO B 8 16.67 -5.11 23.80
N PHE B 9 16.43 -3.82 23.64
CA PHE B 9 17.29 -2.80 24.24
C PHE B 9 16.50 -1.57 24.62
N ILE B 10 17.04 -0.82 25.58
CA ILE B 10 16.45 0.43 26.01
C ILE B 10 17.58 1.45 26.07
N LEU B 11 17.42 2.55 25.34
CA LEU B 11 18.30 3.71 25.48
C LEU B 11 17.50 4.85 26.07
N HIS B 12 18.08 5.54 27.04
CA HIS B 12 17.51 6.78 27.54
C HIS B 12 18.42 7.91 27.10
N LEU B 13 17.99 8.64 26.09
CA LEU B 13 18.84 9.66 25.48
C LEU B 13 18.41 11.07 25.92
N PRO B 14 19.39 11.93 26.22
CA PRO B 14 19.13 13.31 26.66
C PRO B 14 18.41 14.18 25.61
N LEU B 15 17.66 15.19 26.06
CA LEU B 15 16.96 16.08 25.13
C LEU B 15 17.87 17.19 24.63
N THR B 28 12.75 14.22 30.65
CA THR B 28 14.18 14.46 30.82
C THR B 28 15.01 13.66 29.81
N HIS B 29 14.46 12.54 29.35
CA HIS B 29 15.10 11.76 28.31
C HIS B 29 14.07 11.28 27.29
N TRP B 30 14.54 10.97 26.09
CA TRP B 30 13.68 10.30 25.12
C TRP B 30 14.03 8.81 25.16
N GLY B 31 13.00 7.97 25.18
CA GLY B 31 13.23 6.54 25.25
C GLY B 31 13.23 5.92 23.87
N VAL B 32 14.34 5.27 23.54
CA VAL B 32 14.45 4.52 22.31
C VAL B 32 14.42 3.06 22.74
N VAL B 33 13.28 2.41 22.51
CA VAL B 33 13.04 1.09 23.07
C VAL B 33 12.76 0.15 21.93
N GLY B 34 13.57 -0.89 21.78
CA GLY B 34 13.41 -1.70 20.60
C GLY B 34 14.09 -3.04 20.61
N ALA B 35 14.38 -3.52 19.40
CA ALA B 35 14.88 -4.85 19.15
C ALA B 35 16.09 -4.82 18.24
N LYS B 36 17.08 -5.63 18.57
CA LYS B 36 18.18 -5.92 17.66
C LYS B 36 18.00 -7.37 17.23
N ILE B 37 17.85 -7.56 15.94
CA ILE B 37 17.62 -8.88 15.37
C ILE B 37 18.82 -9.28 14.52
N THR B 38 19.44 -10.42 14.87
CA THR B 38 20.60 -10.93 14.15
C THR B 38 20.24 -12.09 13.23
N THR B 39 20.79 -12.09 12.02
CA THR B 39 20.59 -13.20 11.10
C THR B 39 21.86 -14.05 10.95
N SER B 40 21.73 -15.19 10.29
CA SER B 40 22.82 -16.17 10.23
C SER B 40 24.06 -15.65 9.50
N ASP B 41 23.88 -14.63 8.68
CA ASP B 41 24.99 -14.02 7.93
C ASP B 41 25.71 -12.93 8.72
N GLY B 42 25.26 -12.68 9.94
CA GLY B 42 25.90 -11.70 10.79
C GLY B 42 25.31 -10.31 10.70
N ILE B 43 24.39 -10.11 9.76
CA ILE B 43 23.68 -8.83 9.66
C ILE B 43 22.82 -8.60 10.91
N GLU B 44 22.81 -7.38 11.40
CA GLU B 44 22.05 -7.02 12.59
C GLU B 44 21.09 -5.90 12.22
N GLY B 45 19.81 -6.12 12.46
CA GLY B 45 18.79 -5.11 12.21
C GLY B 45 18.29 -4.48 13.49
N TYR B 46 17.96 -3.19 13.41
CA TYR B 46 17.46 -2.45 14.56
C TYR B 46 16.13 -1.81 14.26
N GLY B 47 15.23 -1.87 15.22
CA GLY B 47 13.96 -1.17 15.13
C GLY B 47 13.54 -0.76 16.52
N PHE B 48 12.74 0.28 16.62
CA PHE B 48 12.38 0.78 17.95
C PHE B 48 11.11 1.63 17.93
N THR B 49 10.49 1.70 19.10
CA THR B 49 9.40 2.63 19.31
C THR B 49 9.97 3.77 20.16
N GLY B 50 9.14 4.77 20.47
CA GLY B 50 9.59 5.89 21.26
C GLY B 50 8.78 6.01 22.54
N THR B 51 9.45 6.34 23.64
CA THR B 51 8.76 6.44 24.93
C THR B 51 9.25 7.62 25.76
N HIS B 52 8.57 7.84 26.89
CA HIS B 52 8.97 8.86 27.87
C HIS B 52 10.15 8.46 28.73
N ALA B 53 10.72 7.29 28.46
CA ALA B 53 11.95 6.86 29.10
C ALA B 53 11.79 6.61 30.60
N HIS B 54 10.61 6.11 30.98
CA HIS B 54 10.43 5.59 32.33
C HIS B 54 10.74 4.10 32.31
N LEU B 55 11.77 3.68 33.04
CA LEU B 55 12.27 2.31 32.92
C LEU B 55 11.21 1.22 33.11
N PRO B 56 10.36 1.34 34.16
CA PRO B 56 9.41 0.25 34.41
C PRO B 56 8.42 0.01 33.27
N SER B 57 7.94 1.08 32.63
CA SER B 57 7.05 0.92 31.48
C SER B 57 7.80 0.54 30.18
N ASP B 58 9.02 1.07 30.00
CA ASP B 58 9.84 0.66 28.87
C ASP B 58 10.02 -0.85 28.88
N ARG B 59 10.21 -1.40 30.09
CA ARG B 59 10.45 -2.82 30.22
C ARG B 59 9.25 -3.67 29.85
N LEU B 60 8.05 -3.11 29.85
CA LEU B 60 6.90 -3.88 29.39
C LEU B 60 7.06 -4.19 27.90
N ILE B 61 7.57 -3.21 27.16
CA ILE B 61 7.77 -3.37 25.73
C ILE B 61 8.90 -4.36 25.44
N THR B 62 10.05 -4.20 26.12
CA THR B 62 11.14 -5.13 25.91
C THR B 62 10.78 -6.55 26.36
N SER B 63 10.00 -6.68 27.43
CA SER B 63 9.58 -8.02 27.87
C SER B 63 8.68 -8.67 26.83
N CYS B 64 7.83 -7.88 26.19
CA CYS B 64 7.03 -8.43 25.10
C CYS B 64 7.95 -8.94 23.99
N ILE B 65 8.96 -8.16 23.65
CA ILE B 65 9.87 -8.54 22.58
C ILE B 65 10.62 -9.83 22.91
N SER B 66 11.22 -9.91 24.10
CA SER B 66 12.02 -11.08 24.47
C SER B 66 11.18 -12.32 24.81
N ASP B 67 10.07 -12.10 25.49
CA ASP B 67 9.35 -13.21 26.11
C ASP B 67 8.25 -13.75 25.22
N CYS B 68 7.70 -12.88 24.37
CA CYS B 68 6.58 -13.26 23.53
C CYS B 68 6.95 -13.35 22.05
N TYR B 69 7.64 -12.34 21.54
CA TYR B 69 7.96 -12.34 20.12
C TYR B 69 9.20 -13.14 19.74
N ALA B 70 10.25 -13.09 20.54
CA ALA B 70 11.47 -13.81 20.18
C ALA B 70 11.24 -15.28 19.85
N PRO B 71 10.45 -16.00 20.66
CA PRO B 71 10.20 -17.40 20.31
C PRO B 71 9.52 -17.60 18.95
N LEU B 72 8.77 -16.60 18.51
CA LEU B 72 8.06 -16.66 17.24
C LEU B 72 8.96 -16.26 16.08
N LEU B 73 10.12 -15.70 16.38
CA LEU B 73 11.04 -15.20 15.36
C LEU B 73 12.24 -16.11 15.15
N LEU B 74 12.77 -16.70 16.21
CA LEU B 74 13.99 -17.49 16.09
C LEU B 74 13.79 -18.60 15.07
N GLY B 75 14.74 -18.72 14.14
CA GLY B 75 14.69 -19.77 13.13
C GLY B 75 13.92 -19.40 11.87
N GLU B 76 13.18 -18.31 11.91
CA GLU B 76 12.40 -17.87 10.75
C GLU B 76 13.28 -17.11 9.77
N ASP B 77 12.91 -17.15 8.49
CA ASP B 77 13.58 -16.35 7.47
C ASP B 77 13.21 -14.88 7.63
N ALA B 78 14.19 -14.05 7.97
CA ALA B 78 13.95 -12.63 8.21
C ALA B 78 13.44 -11.94 6.96
N SER B 79 13.72 -12.52 5.79
CA SER B 79 13.28 -11.94 4.53
C SER B 79 11.75 -11.85 4.45
N ASP B 80 11.08 -12.76 5.17
CA ASP B 80 9.62 -12.89 5.08
C ASP B 80 8.91 -11.89 5.98
N HIS B 81 9.26 -10.60 5.85
CA HIS B 81 8.73 -9.60 6.77
C HIS B 81 7.20 -9.46 6.78
N SER B 82 6.57 -9.68 5.63
N SER B 82 6.58 -9.68 5.63
N SER B 82 6.55 -9.68 5.64
CA SER B 82 5.12 -9.57 5.56
CA SER B 82 5.13 -9.56 5.54
CA SER B 82 5.10 -9.53 5.60
C SER B 82 4.48 -10.72 6.33
C SER B 82 4.44 -10.71 6.26
C SER B 82 4.39 -10.73 6.22
N ARG B 83 4.94 -11.93 6.04
CA ARG B 83 4.41 -13.10 6.72
C ARG B 83 4.65 -13.03 8.22
N LEU B 84 5.85 -12.58 8.61
CA LEU B 84 6.17 -12.48 10.03
C LEU B 84 5.35 -11.39 10.75
N TRP B 85 5.03 -10.30 10.04
CA TRP B 85 4.15 -9.29 10.62
C TRP B 85 2.85 -9.94 11.09
N THR B 86 2.21 -10.68 10.21
CA THR B 86 0.96 -11.36 10.52
C THR B 86 1.15 -12.41 11.61
N LYS B 87 2.25 -13.16 11.54
CA LYS B 87 2.48 -14.21 12.53
C LYS B 87 2.48 -13.63 13.93
N LEU B 88 3.16 -12.50 14.10
CA LEU B 88 3.24 -11.87 15.41
C LEU B 88 1.96 -11.13 15.78
N ALA B 89 1.45 -10.32 14.86
CA ALA B 89 0.28 -9.50 15.16
C ALA B 89 -0.94 -10.34 15.48
N ARG B 90 -1.08 -11.47 14.80
CA ARG B 90 -2.30 -12.27 14.92
C ARG B 90 -2.13 -13.50 15.82
N TYR B 91 -0.98 -13.62 16.49
CA TYR B 91 -0.79 -14.71 17.44
C TYR B 91 -1.90 -14.63 18.48
N PRO B 92 -2.74 -15.67 18.59
CA PRO B 92 -4.00 -15.51 19.32
C PRO B 92 -3.87 -14.97 20.76
N SER B 93 -2.97 -15.53 21.56
CA SER B 93 -2.85 -15.10 22.95
C SER B 93 -2.41 -13.64 23.04
N LEU B 94 -1.63 -13.20 22.07
CA LEU B 94 -1.09 -11.84 22.09
C LEU B 94 -2.10 -10.84 21.54
N GLN B 95 -2.72 -11.19 20.41
N GLN B 95 -2.74 -11.17 20.44
CA GLN B 95 -3.78 -10.35 19.85
CA GLN B 95 -3.74 -10.24 19.90
C GLN B 95 -4.84 -10.11 20.92
C GLN B 95 -4.92 -10.13 20.87
N TRP B 96 -5.14 -11.17 21.68
CA TRP B 96 -6.13 -11.11 22.73
C TRP B 96 -5.92 -9.95 23.70
N VAL B 97 -4.66 -9.63 24.00
CA VAL B 97 -4.32 -8.52 24.89
C VAL B 97 -3.69 -7.37 24.10
N GLY B 98 -4.01 -7.31 22.80
CA GLY B 98 -3.38 -6.40 21.88
C GLY B 98 -4.32 -5.72 20.90
N ARG B 99 -3.83 -5.61 19.66
CA ARG B 99 -4.41 -4.78 18.59
C ARG B 99 -4.04 -3.31 18.74
N ALA B 100 -3.32 -2.99 19.80
CA ALA B 100 -3.03 -1.61 20.18
C ALA B 100 -2.21 -1.69 21.46
N GLY B 101 -1.63 -0.57 21.84
CA GLY B 101 -0.86 -0.52 23.07
C GLY B 101 0.44 -1.31 23.01
N ILE B 102 0.86 -1.78 24.18
N ILE B 102 0.87 -1.82 24.15
CA ILE B 102 2.16 -2.43 24.37
CA ILE B 102 2.24 -2.33 24.27
C ILE B 102 2.53 -3.39 23.24
C ILE B 102 2.61 -3.46 23.31
N THR B 103 1.70 -4.40 23.04
CA THR B 103 2.00 -5.46 22.08
C THR B 103 2.26 -4.88 20.69
N HIS B 104 1.48 -3.86 20.32
CA HIS B 104 1.59 -3.30 18.98
C HIS B 104 2.87 -2.44 18.83
N LEU B 105 3.27 -1.79 19.92
CA LEU B 105 4.50 -1.01 19.92
C LEU B 105 5.71 -1.94 19.81
N ALA B 106 5.64 -3.09 20.49
CA ALA B 106 6.71 -4.09 20.39
C ALA B 106 6.76 -4.66 18.97
N LEU B 107 5.59 -4.87 18.37
CA LEU B 107 5.51 -5.32 16.99
C LEU B 107 6.19 -4.32 16.04
N ALA B 108 5.93 -3.04 16.25
CA ALA B 108 6.53 -2.00 15.43
C ALA B 108 8.05 -2.12 15.44
N ALA B 109 8.63 -2.30 16.63
CA ALA B 109 10.07 -2.38 16.76
C ALA B 109 10.63 -3.58 15.98
N VAL B 110 9.96 -4.73 16.10
CA VAL B 110 10.39 -5.91 15.36
C VAL B 110 10.28 -5.68 13.86
N ASP B 111 9.14 -5.12 13.44
CA ASP B 111 8.93 -4.89 12.01
C ASP B 111 10.01 -3.99 11.40
N VAL B 112 10.32 -2.89 12.08
CA VAL B 112 11.33 -1.98 11.56
C VAL B 112 12.68 -2.67 11.47
N ALA B 113 13.01 -3.48 12.47
CA ALA B 113 14.27 -4.22 12.45
C ALA B 113 14.33 -5.16 11.25
N LEU B 114 13.21 -5.79 10.90
CA LEU B 114 13.21 -6.69 9.75
C LEU B 114 13.44 -5.95 8.43
N TRP B 115 12.84 -4.78 8.30
CA TRP B 115 13.07 -3.94 7.13
C TRP B 115 14.50 -3.41 7.07
N ASP B 116 15.07 -3.08 8.23
CA ASP B 116 16.45 -2.65 8.30
C ASP B 116 17.37 -3.77 7.78
N ILE B 117 17.08 -5.01 8.19
CA ILE B 117 17.81 -6.17 7.66
C ILE B 117 17.65 -6.29 6.15
N LYS B 118 16.43 -6.14 5.64
CA LYS B 118 16.18 -6.34 4.21
C LYS B 118 17.03 -5.35 3.41
N ALA B 119 17.01 -4.09 3.82
CA ALA B 119 17.77 -3.08 3.10
C ALA B 119 19.28 -3.25 3.27
N LYS B 120 19.72 -3.62 4.47
CA LYS B 120 21.15 -3.89 4.71
C LYS B 120 21.64 -5.04 3.84
N LYS B 121 20.84 -6.09 3.75
CA LYS B 121 21.22 -7.25 2.94
C LYS B 121 21.30 -6.86 1.47
N ALA B 122 20.41 -5.96 1.06
CA ALA B 122 20.40 -5.47 -0.31
C ALA B 122 21.52 -4.45 -0.58
N GLY B 123 22.13 -3.95 0.49
CA GLY B 123 23.23 -3.00 0.40
C GLY B 123 22.84 -1.58 0.04
N VAL B 124 21.60 -1.19 0.35
CA VAL B 124 21.11 0.12 -0.02
C VAL B 124 20.29 0.76 1.09
N PRO B 125 20.19 2.09 1.08
CA PRO B 125 19.27 2.73 2.04
C PRO B 125 17.83 2.38 1.70
N LEU B 126 16.98 2.38 2.72
CA LEU B 126 15.60 1.94 2.57
C LEU B 126 14.82 2.71 1.49
N TRP B 127 14.98 4.03 1.38
CA TRP B 127 14.22 4.77 0.37
C TRP B 127 14.56 4.25 -1.04
N HIS B 128 15.79 3.80 -1.25
CA HIS B 128 16.19 3.29 -2.56
C HIS B 128 15.64 1.88 -2.72
N TYR B 129 15.74 1.08 -1.66
CA TYR B 129 15.21 -0.28 -1.68
C TYR B 129 13.74 -0.29 -2.11
N LEU B 130 12.97 0.65 -1.59
CA LEU B 130 11.52 0.70 -1.80
C LEU B 130 11.11 1.13 -3.21
N GLY B 131 12.04 1.72 -3.97
CA GLY B 131 11.76 2.06 -5.36
C GLY B 131 12.26 3.42 -5.85
N GLY B 132 13.02 4.13 -5.03
CA GLY B 132 13.61 5.38 -5.47
C GLY B 132 12.96 6.63 -4.91
N ALA B 133 13.58 7.76 -5.20
CA ALA B 133 13.17 9.03 -4.60
C ALA B 133 12.05 9.71 -5.38
N ARG B 134 11.08 10.25 -4.65
CA ARG B 134 9.97 10.99 -5.23
C ARG B 134 10.24 12.48 -5.26
N THR B 135 11.32 12.90 -4.61
CA THR B 135 11.72 14.30 -4.62
C THR B 135 13.23 14.42 -4.48
N ALA B 136 13.77 15.55 -4.92
CA ALA B 136 15.18 15.85 -4.77
C ALA B 136 15.51 16.37 -3.37
N GLY B 137 14.50 16.80 -2.63
CA GLY B 137 14.73 17.34 -1.30
C GLY B 137 13.47 17.35 -0.46
N VAL B 138 13.52 16.65 0.67
CA VAL B 138 12.40 16.64 1.60
C VAL B 138 12.54 17.83 2.55
N GLU B 139 11.60 18.76 2.48
CA GLU B 139 11.64 19.93 3.35
C GLU B 139 11.27 19.60 4.78
N ALA B 140 11.93 20.27 5.72
CA ALA B 140 11.74 20.05 7.15
C ALA B 140 10.92 21.14 7.80
N TYR B 141 10.20 20.79 8.86
CA TYR B 141 9.66 21.82 9.75
C TYR B 141 10.16 21.62 11.15
N ASN B 142 10.51 22.72 11.80
CA ASN B 142 11.12 22.67 13.12
C ASN B 142 10.08 22.70 14.24
N THR B 143 9.97 21.60 14.97
CA THR B 143 9.10 21.47 16.13
C THR B 143 9.80 21.85 17.42
N ASP B 144 11.13 21.75 17.43
CA ASP B 144 11.88 21.88 18.68
C ASP B 144 11.89 23.28 19.25
N ILE B 145 11.50 24.28 18.45
CA ILE B 145 11.44 25.65 18.95
C ILE B 145 10.08 26.02 19.51
N GLY B 146 9.13 25.08 19.49
CA GLY B 146 7.75 25.45 19.75
C GLY B 146 7.06 24.94 21.00
N TRP B 147 7.81 24.32 21.90
CA TRP B 147 7.21 23.67 23.08
C TRP B 147 6.37 24.61 23.94
N LEU B 148 5.28 24.08 24.48
CA LEU B 148 4.32 24.88 25.22
C LEU B 148 4.91 25.46 26.50
N SER B 149 5.92 24.79 27.04
CA SER B 149 6.58 25.23 28.27
C SER B 149 7.44 26.49 28.09
N PHE B 150 7.77 26.84 26.85
CA PHE B 150 8.58 28.05 26.59
C PHE B 150 7.84 29.33 26.96
N THR B 151 8.53 30.24 27.65
CA THR B 151 7.98 31.59 27.81
C THR B 151 7.82 32.19 26.43
N LEU B 152 6.98 33.20 26.31
CA LEU B 152 6.85 33.90 25.04
C LEU B 152 8.22 34.40 24.55
N GLU B 153 9.01 34.95 25.47
CA GLU B 153 10.35 35.41 25.12
C GLU B 153 11.17 34.32 24.45
N ASP B 154 11.17 33.12 25.03
CA ASP B 154 11.96 32.02 24.51
C ASP B 154 11.35 31.44 23.23
N LEU B 155 10.02 31.41 23.16
CA LEU B 155 9.35 30.99 21.93
C LEU B 155 9.76 31.89 20.77
N LEU B 156 9.76 33.20 21.02
CA LEU B 156 10.12 34.17 19.99
C LEU B 156 11.58 34.04 19.58
N ALA B 157 12.48 33.93 20.55
CA ALA B 157 13.90 33.90 20.25
C ALA B 157 14.27 32.67 19.45
N GLY B 158 13.70 31.53 19.83
CA GLY B 158 14.02 30.29 19.14
C GLY B 158 13.43 30.24 17.75
N SER B 159 12.19 30.73 17.62
CA SER B 159 11.55 30.81 16.32
C SER B 159 12.35 31.68 15.37
N ALA B 160 12.76 32.85 15.86
CA ALA B 160 13.57 33.76 15.09
C ALA B 160 14.91 33.15 14.69
N ARG B 161 15.54 32.45 15.62
CA ARG B 161 16.80 31.79 15.32
C ARG B 161 16.64 30.73 14.23
N ALA B 162 15.61 29.90 14.36
CA ALA B 162 15.37 28.84 13.39
C ALA B 162 15.22 29.40 11.98
N VAL B 163 14.54 30.54 11.87
CA VAL B 163 14.28 31.14 10.56
C VAL B 163 15.46 31.97 10.06
N GLU B 164 15.99 32.81 10.94
CA GLU B 164 16.97 33.80 10.51
C GLU B 164 18.41 33.27 10.45
N GLU B 165 18.72 32.31 11.32
CA GLU B 165 20.07 31.76 11.35
C GLU B 165 20.15 30.36 10.75
N ASP B 166 19.12 29.55 10.97
CA ASP B 166 19.21 28.14 10.59
C ASP B 166 18.48 27.79 9.29
N GLY B 167 17.80 28.76 8.69
CA GLY B 167 17.26 28.56 7.36
C GLY B 167 15.97 27.76 7.26
N PHE B 168 15.25 27.61 8.37
CA PHE B 168 13.92 27.02 8.31
C PHE B 168 12.91 28.02 7.77
N THR B 169 11.95 27.54 6.99
CA THR B 169 10.83 28.39 6.60
C THR B 169 9.52 27.74 6.99
N ARG B 170 9.60 26.74 7.87
CA ARG B 170 8.43 25.98 8.33
C ARG B 170 8.67 25.64 9.80
N LEU B 171 7.68 25.97 10.65
CA LEU B 171 7.76 25.75 12.09
C LEU B 171 6.50 25.06 12.58
N LYS B 172 6.58 24.41 13.73
CA LYS B 172 5.36 23.93 14.41
C LYS B 172 5.42 24.37 15.85
N ILE B 173 4.37 25.06 16.28
CA ILE B 173 4.27 25.64 17.61
C ILE B 173 3.14 25.00 18.41
N LYS B 174 3.42 24.63 19.66
CA LYS B 174 2.40 24.00 20.49
C LYS B 174 1.37 25.02 20.96
N VAL B 175 0.12 24.55 21.06
CA VAL B 175 -0.93 25.31 21.72
C VAL B 175 -1.56 24.38 22.76
N GLY B 176 -2.50 24.90 23.53
CA GLY B 176 -3.16 24.09 24.55
C GLY B 176 -3.19 24.69 25.95
N HIS B 177 -3.05 26.00 26.06
CA HIS B 177 -3.31 26.65 27.35
C HIS B 177 -4.78 26.47 27.67
N ASP B 178 -5.11 26.53 28.96
CA ASP B 178 -6.50 26.37 29.35
C ASP B 178 -7.40 27.38 28.64
N ASP B 179 -6.93 28.63 28.56
CA ASP B 179 -7.59 29.68 27.79
C ASP B 179 -6.85 29.82 26.47
N PRO B 180 -7.48 29.41 25.37
CA PRO B 180 -6.80 29.45 24.07
C PRO B 180 -6.44 30.86 23.63
N ASN B 181 -7.01 31.90 24.23
CA ASN B 181 -6.59 33.24 23.86
C ASN B 181 -5.14 33.55 24.20
N ILE B 182 -4.59 32.82 25.16
CA ILE B 182 -3.16 32.92 25.46
C ILE B 182 -2.35 32.41 24.27
N ASP B 183 -2.83 31.32 23.66
CA ASP B 183 -2.19 30.80 22.46
C ASP B 183 -2.37 31.73 21.26
N ILE B 184 -3.54 32.32 21.12
CA ILE B 184 -3.72 33.37 20.12
C ILE B 184 -2.65 34.47 20.29
N ALA B 185 -2.43 34.91 21.52
CA ALA B 185 -1.45 35.97 21.76
C ALA B 185 -0.04 35.53 21.40
N ARG B 186 0.32 34.30 21.78
CA ARG B 186 1.66 33.81 21.48
C ARG B 186 1.87 33.71 19.98
N LEU B 187 0.89 33.17 19.26
CA LEU B 187 1.02 32.99 17.82
C LEU B 187 1.05 34.33 17.12
N THR B 188 0.28 35.28 17.64
CA THR B 188 0.24 36.62 17.07
C THR B 188 1.64 37.24 17.19
N ALA B 189 2.26 37.06 18.35
CA ALA B 189 3.61 37.60 18.56
C ALA B 189 4.64 36.94 17.64
N VAL B 190 4.53 35.63 17.45
CA VAL B 190 5.46 34.93 16.56
C VAL B 190 5.27 35.44 15.13
N ARG B 191 4.02 35.57 14.71
CA ARG B 191 3.72 36.08 13.38
C ARG B 191 4.28 37.48 13.15
N GLU B 192 4.28 38.30 14.19
CA GLU B 192 4.84 39.65 14.07
C GLU B 192 6.37 39.62 13.98
N ARG B 193 6.97 38.64 14.64
CA ARG B 193 8.43 38.56 14.77
C ARG B 193 9.12 37.99 13.53
N VAL B 194 8.53 36.98 12.92
CA VAL B 194 9.17 36.34 11.78
C VAL B 194 8.52 36.73 10.46
N ASP B 195 9.26 36.52 9.38
CA ASP B 195 8.81 36.89 8.04
C ASP B 195 7.50 36.21 7.67
N SER B 196 6.68 36.87 6.85
CA SER B 196 5.38 36.34 6.48
C SER B 196 5.45 35.01 5.73
N ALA B 197 6.57 34.75 5.07
CA ALA B 197 6.72 33.53 4.29
C ALA B 197 7.11 32.32 5.13
N VAL B 198 7.16 32.49 6.45
CA VAL B 198 7.39 31.36 7.31
C VAL B 198 6.05 30.65 7.51
N ARG B 199 6.02 29.35 7.21
CA ARG B 199 4.82 28.54 7.44
C ARG B 199 4.79 28.12 8.91
N ILE B 200 3.64 28.25 9.55
CA ILE B 200 3.51 27.92 10.97
C ILE B 200 2.32 26.99 11.20
N ALA B 201 2.62 25.75 11.55
CA ALA B 201 1.61 24.79 11.98
C ALA B 201 1.52 24.83 13.50
N ILE B 202 0.41 24.32 14.04
CA ILE B 202 0.26 24.26 15.50
C ILE B 202 -0.18 22.87 15.91
N ASP B 203 -0.08 22.60 17.21
CA ASP B 203 -0.32 21.24 17.73
C ASP B 203 -0.88 21.36 19.13
N GLY B 204 -2.09 20.84 19.33
CA GLY B 204 -2.75 20.91 20.62
C GLY B 204 -2.63 19.66 21.49
N ASN B 205 -2.04 18.59 20.96
CA ASN B 205 -1.84 17.37 21.74
C ASN B 205 -3.10 16.90 22.44
N GLY B 206 -4.24 17.02 21.76
CA GLY B 206 -5.50 16.47 22.24
C GLY B 206 -6.06 17.14 23.49
N LYS B 207 -5.67 18.40 23.73
CA LYS B 207 -6.01 19.04 24.99
C LYS B 207 -7.41 19.62 25.07
N TRP B 208 -7.99 19.99 23.93
CA TRP B 208 -9.22 20.77 23.94
C TRP B 208 -10.43 19.98 23.49
N ASP B 209 -11.61 20.52 23.79
CA ASP B 209 -12.86 19.93 23.31
C ASP B 209 -13.36 20.66 22.07
N LEU B 210 -14.44 20.14 21.47
CA LEU B 210 -14.93 20.70 20.21
C LEU B 210 -15.28 22.19 20.29
N PRO B 211 -16.10 22.60 21.27
CA PRO B 211 -16.47 24.02 21.26
C PRO B 211 -15.25 24.92 21.47
N THR B 212 -14.29 24.48 22.28
CA THR B 212 -13.09 25.29 22.53
C THR B 212 -12.32 25.46 21.21
N CYS B 213 -12.18 24.37 20.47
CA CYS B 213 -11.50 24.41 19.19
C CYS B 213 -12.23 25.28 18.18
N GLN B 214 -13.56 25.24 18.16
CA GLN B 214 -14.29 26.08 17.21
C GLN B 214 -13.98 27.55 17.45
N ARG B 215 -14.00 27.96 18.70
CA ARG B 215 -13.73 29.36 19.02
C ARG B 215 -12.29 29.72 18.69
N PHE B 216 -11.36 28.85 19.07
CA PHE B 216 -9.96 29.14 18.80
C PHE B 216 -9.70 29.28 17.31
N CYS B 217 -10.25 28.37 16.51
CA CYS B 217 -9.99 28.40 15.08
C CYS B 217 -10.55 29.68 14.46
N ALA B 218 -11.72 30.12 14.90
CA ALA B 218 -12.28 31.36 14.41
C ALA B 218 -11.38 32.53 14.78
N ALA B 219 -10.86 32.51 16.01
CA ALA B 219 -10.00 33.60 16.48
C ALA B 219 -8.64 33.63 15.78
N ALA B 220 -8.25 32.50 15.19
CA ALA B 220 -6.97 32.37 14.51
C ALA B 220 -7.08 32.62 13.00
N LYS B 221 -8.22 33.15 12.57
CA LYS B 221 -8.53 33.31 11.16
C LYS B 221 -7.50 34.12 10.37
N ASP B 222 -6.80 35.02 11.05
CA ASP B 222 -5.85 35.88 10.36
C ASP B 222 -4.39 35.54 10.64
N LEU B 223 -4.15 34.39 11.26
CA LEU B 223 -2.80 34.02 11.66
C LEU B 223 -2.06 33.11 10.67
N ASP B 224 -2.73 32.76 9.57
CA ASP B 224 -2.16 31.89 8.54
C ASP B 224 -1.60 30.61 9.14
N ILE B 225 -2.47 29.85 9.79
CA ILE B 225 -2.09 28.58 10.42
C ILE B 225 -2.08 27.46 9.39
N TYR B 226 -0.93 26.80 9.27
CA TYR B 226 -0.72 25.82 8.21
C TYR B 226 -1.55 24.56 8.44
N TRP B 227 -1.53 24.06 9.67
CA TRP B 227 -2.43 22.99 10.09
C TRP B 227 -2.56 23.03 11.60
N PHE B 228 -3.59 22.35 12.10
CA PHE B 228 -3.86 22.24 13.53
C PHE B 228 -3.83 20.76 13.86
N GLU B 229 -2.76 20.34 14.52
CA GLU B 229 -2.49 18.94 14.80
C GLU B 229 -3.11 18.54 16.12
N GLU B 230 -3.73 17.36 16.13
CA GLU B 230 -4.37 16.81 17.34
C GLU B 230 -5.16 17.84 18.14
N PRO B 231 -6.15 18.46 17.51
CA PRO B 231 -6.92 19.48 18.23
C PRO B 231 -7.78 18.89 19.33
N LEU B 232 -8.20 17.63 19.11
CA LEU B 232 -9.25 17.03 19.93
C LEU B 232 -8.83 15.67 20.48
N TRP B 233 -9.70 15.04 21.28
CA TRP B 233 -9.32 13.75 21.87
C TRP B 233 -9.01 12.71 20.81
N TYR B 234 -7.98 11.91 21.05
CA TYR B 234 -7.36 11.10 20.01
C TYR B 234 -8.30 10.09 19.36
N ASP B 235 -9.25 9.59 20.13
CA ASP B 235 -10.11 8.50 19.68
C ASP B 235 -11.50 8.96 19.28
N ASP B 236 -11.68 10.28 19.19
CA ASP B 236 -12.97 10.90 18.89
C ASP B 236 -13.03 11.38 17.43
N VAL B 237 -13.51 10.52 16.53
CA VAL B 237 -13.56 10.87 15.11
C VAL B 237 -14.56 11.99 14.83
N THR B 238 -15.75 11.87 15.41
CA THR B 238 -16.83 12.79 15.09
C THR B 238 -16.52 14.24 15.44
N SER B 239 -15.92 14.49 16.60
CA SER B 239 -15.57 15.87 16.94
C SER B 239 -14.62 16.46 15.89
N HIS B 240 -13.66 15.65 15.44
CA HIS B 240 -12.71 16.11 14.44
C HIS B 240 -13.41 16.41 13.11
N ALA B 241 -14.34 15.55 12.73
CA ALA B 241 -15.10 15.76 11.50
C ALA B 241 -15.92 17.05 11.57
N ARG B 242 -16.52 17.31 12.73
CA ARG B 242 -17.33 18.52 12.90
C ARG B 242 -16.43 19.77 12.88
N LEU B 243 -15.28 19.67 13.53
CA LEU B 243 -14.36 20.81 13.54
C LEU B 243 -13.86 21.11 12.13
N ALA B 244 -13.50 20.05 11.39
CA ALA B 244 -12.97 20.26 10.05
C ALA B 244 -13.95 20.99 9.15
N ARG B 245 -15.25 20.77 9.36
CA ARG B 245 -16.25 21.44 8.54
C ARG B 245 -16.52 22.87 9.01
N ASN B 246 -16.11 23.18 10.24
CA ASN B 246 -16.41 24.47 10.87
C ASN B 246 -15.37 25.53 10.61
N THR B 247 -14.21 25.13 10.12
CA THR B 247 -13.08 26.03 9.92
C THR B 247 -12.37 25.72 8.60
N SER B 248 -11.67 26.71 8.06
CA SER B 248 -10.78 26.48 6.92
C SER B 248 -9.39 25.98 7.36
N ILE B 249 -9.08 26.04 8.66
CA ILE B 249 -7.78 25.55 9.10
C ILE B 249 -7.73 24.04 8.97
N PRO B 250 -6.73 23.51 8.24
CA PRO B 250 -6.62 22.06 8.06
C PRO B 250 -6.34 21.32 9.36
N ILE B 251 -6.94 20.15 9.51
N ILE B 251 -6.92 20.14 9.51
CA ILE B 251 -6.67 19.27 10.65
CA ILE B 251 -6.69 19.30 10.68
C ILE B 251 -5.59 18.26 10.31
C ILE B 251 -5.66 18.21 10.37
N ALA B 252 -4.67 18.06 11.25
CA ALA B 252 -3.64 17.03 11.13
C ALA B 252 -3.77 16.08 12.31
N LEU B 253 -3.64 14.78 12.08
CA LEU B 253 -3.59 13.83 13.19
C LEU B 253 -3.05 12.50 12.72
N GLY B 254 -2.73 11.62 13.67
CA GLY B 254 -2.33 10.26 13.38
C GLY B 254 -1.29 9.72 14.36
N GLU B 255 -0.59 10.63 15.03
N GLU B 255 -0.57 10.59 15.05
CA GLU B 255 0.46 10.30 16.00
CA GLU B 255 0.52 10.11 15.88
C GLU B 255 0.02 9.20 16.96
C GLU B 255 0.05 9.22 17.03
N GLN B 256 -1.24 9.26 17.35
CA GLN B 256 -1.76 8.43 18.44
C GLN B 256 -2.57 7.25 17.96
N LEU B 257 -2.68 7.07 16.64
CA LEU B 257 -3.49 5.99 16.09
C LEU B 257 -2.67 4.72 15.88
N TYR B 258 -3.17 3.60 16.39
CA TYR B 258 -2.40 2.37 16.39
C TYR B 258 -2.59 1.52 15.13
N THR B 259 -3.70 1.72 14.41
CA THR B 259 -4.06 0.78 13.35
C THR B 259 -4.50 1.46 12.06
N VAL B 260 -4.38 0.71 10.98
CA VAL B 260 -4.92 1.14 9.69
C VAL B 260 -6.44 1.35 9.79
N ASP B 261 -7.12 0.57 10.64
CA ASP B 261 -8.56 0.73 10.80
C ASP B 261 -8.90 2.10 11.37
N ALA B 262 -8.13 2.55 12.35
CA ALA B 262 -8.36 3.86 12.93
C ALA B 262 -8.13 4.96 11.88
N PHE B 263 -7.05 4.85 11.12
CA PHE B 263 -6.81 5.81 10.05
C PHE B 263 -7.97 5.84 9.03
N ARG B 264 -8.47 4.67 8.64
CA ARG B 264 -9.58 4.61 7.69
C ARG B 264 -10.79 5.35 8.25
N SER B 265 -11.09 5.15 9.53
N SER B 265 -11.08 5.14 9.53
CA SER B 265 -12.24 5.82 10.14
CA SER B 265 -12.21 5.80 10.18
C SER B 265 -12.10 7.34 10.08
C SER B 265 -12.10 7.32 10.09
N PHE B 266 -10.93 7.85 10.44
CA PHE B 266 -10.70 9.29 10.41
C PHE B 266 -10.68 9.85 8.99
N ILE B 267 -10.00 9.16 8.09
CA ILE B 267 -9.88 9.64 6.73
C ILE B 267 -11.23 9.65 6.02
N ASP B 268 -11.98 8.57 6.15
CA ASP B 268 -13.25 8.48 5.42
C ASP B 268 -14.28 9.47 5.94
N ALA B 269 -14.16 9.85 7.21
CA ALA B 269 -15.09 10.82 7.82
C ALA B 269 -14.76 12.27 7.47
N GLY B 270 -13.66 12.50 6.77
CA GLY B 270 -13.21 13.86 6.52
C GLY B 270 -12.70 14.53 7.77
N ALA B 271 -12.21 13.73 8.71
CA ALA B 271 -11.75 14.22 10.02
C ALA B 271 -10.28 14.56 10.05
N VAL B 272 -9.58 14.31 8.95
CA VAL B 272 -8.14 14.61 8.87
C VAL B 272 -7.75 14.96 7.46
N ALA B 273 -6.95 16.02 7.33
CA ALA B 273 -6.44 16.44 6.02
C ALA B 273 -4.95 16.13 5.89
N TYR B 274 -4.21 16.34 6.98
CA TYR B 274 -2.78 16.00 7.02
C TYR B 274 -2.61 14.71 7.80
N VAL B 275 -2.27 13.64 7.06
CA VAL B 275 -2.25 12.30 7.64
C VAL B 275 -0.88 12.01 8.23
N GLN B 276 -0.84 11.62 9.50
CA GLN B 276 0.43 11.51 10.22
C GLN B 276 0.69 10.11 10.78
N PRO B 277 0.95 9.15 9.89
CA PRO B 277 1.34 7.82 10.37
C PRO B 277 2.69 7.90 11.08
N ASP B 278 2.99 6.90 11.90
CA ASP B 278 4.23 6.87 12.66
C ASP B 278 4.61 5.42 12.80
N VAL B 279 5.77 5.03 12.27
CA VAL B 279 6.19 3.62 12.35
C VAL B 279 6.37 3.11 13.79
N THR B 280 6.46 4.03 14.76
CA THR B 280 6.64 3.63 16.17
C THR B 280 5.30 3.45 16.89
N ARG B 281 4.19 3.75 16.21
CA ARG B 281 2.85 3.68 16.82
C ARG B 281 2.00 2.66 16.07
N LEU B 282 1.91 2.84 14.75
CA LEU B 282 1.41 1.78 13.87
C LEU B 282 2.36 0.61 13.95
N GLY B 283 1.98 -0.50 13.34
CA GLY B 283 2.84 -1.68 13.29
C GLY B 283 4.01 -1.55 12.33
N GLY B 284 4.91 -0.60 12.61
CA GLY B 284 6.13 -0.45 11.84
C GLY B 284 5.94 0.04 10.43
N ILE B 285 6.97 -0.16 9.62
CA ILE B 285 6.96 0.23 8.21
C ILE B 285 5.84 -0.48 7.44
N THR B 286 5.60 -1.73 7.76
CA THR B 286 4.59 -2.53 7.07
C THR B 286 3.22 -1.84 7.12
N GLU B 287 2.78 -1.50 8.33
CA GLU B 287 1.49 -0.86 8.46
C GLU B 287 1.53 0.62 8.02
N TYR B 288 2.67 1.28 8.22
CA TYR B 288 2.84 2.64 7.70
C TYR B 288 2.53 2.73 6.22
N ILE B 289 3.10 1.82 5.43
CA ILE B 289 2.91 1.85 3.98
C ILE B 289 1.43 1.68 3.62
N GLN B 290 0.74 0.82 4.34
CA GLN B 290 -0.70 0.64 4.12
C GLN B 290 -1.44 1.95 4.33
N VAL B 291 -1.12 2.65 5.43
CA VAL B 291 -1.77 3.94 5.71
C VAL B 291 -1.37 5.00 4.69
N ALA B 292 -0.11 5.02 4.28
CA ALA B 292 0.32 5.99 3.27
C ALA B 292 -0.40 5.76 1.94
N ASP B 293 -0.62 4.49 1.59
CA ASP B 293 -1.37 4.14 0.37
C ASP B 293 -2.84 4.55 0.49
N LEU B 294 -3.42 4.35 1.67
CA LEU B 294 -4.77 4.83 1.95
C LEU B 294 -4.87 6.36 1.77
N ALA B 295 -3.89 7.09 2.31
CA ALA B 295 -3.86 8.55 2.12
C ALA B 295 -3.73 8.92 0.64
N LEU B 296 -2.84 8.25 -0.08
CA LEU B 296 -2.64 8.48 -1.51
C LEU B 296 -3.96 8.34 -2.27
N ALA B 297 -4.71 7.30 -1.93
CA ALA B 297 -6.00 7.05 -2.58
C ALA B 297 -6.97 8.22 -2.44
N HIS B 298 -6.83 8.96 -1.35
CA HIS B 298 -7.64 10.14 -1.07
C HIS B 298 -6.96 11.44 -1.47
N ARG B 299 -5.78 11.31 -2.07
CA ARG B 299 -5.00 12.47 -2.49
C ARG B 299 -4.70 13.42 -1.32
N LEU B 300 -4.49 12.83 -0.14
CA LEU B 300 -4.12 13.58 1.05
C LEU B 300 -2.63 13.45 1.32
N PRO B 301 -2.03 14.51 1.85
CA PRO B 301 -0.59 14.52 2.12
C PRO B 301 -0.24 13.71 3.36
N VAL B 302 0.92 13.06 3.28
CA VAL B 302 1.44 12.25 4.38
C VAL B 302 2.63 12.96 5.01
N VAL B 303 2.46 13.31 6.28
CA VAL B 303 3.43 14.06 7.07
C VAL B 303 3.63 13.35 8.40
N PRO B 304 4.56 12.39 8.44
CA PRO B 304 4.59 11.47 9.59
C PRO B 304 5.11 12.11 10.88
N HIS B 305 4.55 11.66 12.00
CA HIS B 305 4.97 12.15 13.30
C HIS B 305 6.30 11.53 13.74
N ALA B 306 7.17 12.37 14.30
CA ALA B 306 8.54 11.96 14.61
C ALA B 306 8.70 11.14 15.90
N GLY B 307 7.97 10.04 16.01
CA GLY B 307 8.10 9.16 17.17
C GLY B 307 9.45 8.47 17.22
N GLU B 308 10.11 8.40 16.07
CA GLU B 308 11.48 7.89 15.95
C GLU B 308 12.43 9.03 15.56
N MET B 309 12.01 10.26 15.85
CA MET B 309 12.80 11.46 15.55
C MET B 309 13.24 11.52 14.08
N SER B 310 12.41 10.95 13.21
CA SER B 310 12.56 10.96 11.76
C SER B 310 13.68 10.08 11.21
N GLN B 311 14.31 9.28 12.06
CA GLN B 311 15.37 8.39 11.58
C GLN B 311 14.89 7.41 10.52
N VAL B 312 13.66 6.91 10.67
CA VAL B 312 13.06 6.03 9.68
C VAL B 312 12.26 6.83 8.67
N HIS B 313 11.51 7.81 9.17
CA HIS B 313 10.59 8.54 8.30
C HIS B 313 11.29 9.34 7.21
N VAL B 314 12.55 9.71 7.41
CA VAL B 314 13.28 10.37 6.33
C VAL B 314 13.30 9.47 5.07
N HIS B 315 13.48 8.17 5.26
CA HIS B 315 13.44 7.24 4.13
C HIS B 315 12.05 7.20 3.51
N LEU B 316 11.04 7.06 4.35
CA LEU B 316 9.69 6.91 3.84
C LEU B 316 9.21 8.16 3.12
N SER B 317 9.62 9.32 3.61
N SER B 317 9.62 9.33 3.60
CA SER B 317 9.23 10.58 2.99
CA SER B 317 9.21 10.58 2.98
C SER B 317 9.97 10.80 1.67
C SER B 317 10.01 10.92 1.72
N TYR B 318 11.22 10.36 1.61
CA TYR B 318 11.98 10.46 0.35
C TYR B 318 11.38 9.55 -0.72
N TRP B 319 10.67 8.50 -0.30
CA TRP B 319 10.15 7.50 -1.24
C TRP B 319 8.65 7.61 -1.57
N HIS B 320 7.80 7.63 -0.55
CA HIS B 320 6.37 7.46 -0.82
C HIS B 320 5.80 8.70 -1.49
N PRO B 321 5.12 8.52 -2.64
CA PRO B 321 4.73 9.70 -3.42
C PRO B 321 3.65 10.59 -2.80
N ALA B 322 2.96 10.15 -1.74
CA ALA B 322 2.00 11.02 -1.09
C ALA B 322 2.68 11.93 -0.06
N SER B 323 3.96 11.69 0.18
CA SER B 323 4.70 12.46 1.18
C SER B 323 4.89 13.91 0.76
N THR B 324 4.93 14.79 1.75
CA THR B 324 5.29 16.18 1.49
C THR B 324 6.47 16.61 2.36
N ILE B 325 6.18 17.18 3.53
CA ILE B 325 7.22 17.74 4.40
C ILE B 325 7.45 16.84 5.61
N LEU B 326 8.50 17.12 6.38
CA LEU B 326 8.90 16.20 7.43
C LEU B 326 9.31 16.89 8.73
N GLU B 327 8.72 16.43 9.83
CA GLU B 327 9.00 16.96 11.14
C GLU B 327 10.47 16.82 11.52
N TYR B 328 11.01 17.85 12.18
CA TYR B 328 12.40 17.85 12.64
C TYR B 328 12.49 18.17 14.12
N ILE B 329 13.07 17.23 14.87
CA ILE B 329 13.44 17.40 16.28
C ILE B 329 14.82 16.78 16.40
N PRO B 330 15.83 17.55 16.83
CA PRO B 330 17.22 17.09 16.72
C PRO B 330 17.75 16.33 17.95
N TRP B 331 16.89 15.94 18.87
CA TRP B 331 17.31 15.39 20.17
C TRP B 331 18.30 14.22 20.10
N ILE B 332 18.05 13.26 19.22
CA ILE B 332 18.76 11.99 19.29
C ILE B 332 19.64 11.67 18.07
N LYS B 333 19.59 12.51 17.05
CA LYS B 333 20.20 12.16 15.77
C LYS B 333 21.69 11.79 15.89
N ASP B 334 22.43 12.50 16.74
CA ASP B 334 23.87 12.30 16.80
C ASP B 334 24.25 10.97 17.44
N HIS B 335 23.27 10.24 17.95
CA HIS B 335 23.56 8.94 18.56
C HIS B 335 23.44 7.79 17.58
N PHE B 336 23.24 8.11 16.30
CA PHE B 336 23.05 7.09 15.27
C PHE B 336 24.21 7.05 14.31
N GLU B 337 24.43 5.87 13.73
CA GLU B 337 25.45 5.71 12.69
C GLU B 337 25.20 6.61 11.48
N GLU B 338 23.92 6.81 11.13
CA GLU B 338 23.58 7.84 10.14
C GLU B 338 22.53 8.79 10.71
N PRO B 339 23.00 9.84 11.38
CA PRO B 339 22.08 10.86 11.88
C PRO B 339 21.25 11.44 10.76
N ILE B 340 19.98 11.74 11.01
CA ILE B 340 19.30 12.65 10.09
C ILE B 340 20.09 13.96 10.08
N HIS B 341 19.92 14.72 9.02
CA HIS B 341 20.60 16.00 8.90
C HIS B 341 19.77 16.97 8.07
N VAL B 342 19.59 18.18 8.59
CA VAL B 342 18.86 19.21 7.88
C VAL B 342 19.78 20.40 7.64
N ARG B 343 19.85 20.83 6.38
CA ARG B 343 20.61 22.00 5.97
C ARG B 343 19.67 22.93 5.22
N ASP B 344 19.58 24.19 5.66
CA ASP B 344 18.69 25.17 5.05
C ASP B 344 17.27 24.63 4.83
N GLY B 345 16.77 23.95 5.85
CA GLY B 345 15.40 23.45 5.84
C GLY B 345 15.13 22.24 4.96
N VAL B 346 16.18 21.53 4.54
CA VAL B 346 16.01 20.35 3.70
C VAL B 346 16.75 19.16 4.31
N TYR B 347 16.07 18.02 4.41
CA TYR B 347 16.70 16.80 4.89
C TYR B 347 17.71 16.27 3.88
N LYS B 348 18.89 15.89 4.37
CA LYS B 348 19.84 15.12 3.56
C LYS B 348 19.20 13.78 3.20
N ARG B 349 19.46 13.30 1.98
CA ARG B 349 18.99 11.98 1.59
C ARG B 349 19.91 10.90 2.14
N PRO B 350 19.36 9.92 2.86
CA PRO B 350 20.22 8.91 3.49
C PRO B 350 21.06 8.12 2.48
N GLU B 351 22.25 7.70 2.91
CA GLU B 351 23.18 6.99 2.03
C GLU B 351 23.47 5.56 2.46
N GLN B 352 23.45 5.29 3.76
CA GLN B 352 23.95 4.02 4.28
C GLN B 352 22.94 2.88 4.12
N PRO B 353 23.42 1.64 3.96
CA PRO B 353 22.47 0.52 3.89
C PRO B 353 21.59 0.45 5.14
N GLY B 354 20.31 0.18 4.96
CA GLY B 354 19.40 0.04 6.07
C GLY B 354 18.43 1.20 6.22
N ALA B 355 17.79 1.26 7.38
CA ALA B 355 16.74 2.23 7.66
C ALA B 355 17.21 3.33 8.63
N SER B 356 18.52 3.50 8.73
CA SER B 356 19.15 4.44 9.69
C SER B 356 18.59 4.36 11.10
N THR B 357 18.46 3.13 11.58
CA THR B 357 17.99 2.85 12.92
C THR B 357 19.12 2.36 13.82
N THR B 358 20.31 2.21 13.25
CA THR B 358 21.43 1.63 13.99
C THR B 358 22.10 2.67 14.88
N PRO B 359 22.02 2.49 16.22
CA PRO B 359 22.74 3.43 17.08
C PRO B 359 24.25 3.21 17.05
N LEU B 360 25.02 4.25 17.34
CA LEU B 360 26.46 4.07 17.55
C LEU B 360 26.67 3.08 18.68
N ALA B 361 27.72 2.27 18.56
CA ALA B 361 28.01 1.29 19.60
C ALA B 361 28.10 1.95 20.97
N GLU B 362 28.71 3.13 21.02
CA GLU B 362 28.91 3.86 22.27
C GLU B 362 27.60 4.31 22.90
N SER B 363 26.54 4.42 22.09
CA SER B 363 25.24 4.83 22.59
C SER B 363 24.71 3.81 23.60
N PHE B 364 24.95 2.53 23.34
CA PHE B 364 24.53 1.48 24.27
C PHE B 364 25.33 1.57 25.57
N THR B 365 26.64 1.78 25.44
CA THR B 365 27.51 1.89 26.61
C THR B 365 27.09 3.05 27.51
N ARG B 366 26.81 4.19 26.90
CA ARG B 366 26.57 5.42 27.64
C ARG B 366 25.13 5.60 28.12
N TYR B 367 24.18 5.09 27.36
CA TYR B 367 22.77 5.43 27.59
C TYR B 367 21.86 4.21 27.72
N GLY B 368 22.44 3.01 27.58
CA GLY B 368 21.68 1.78 27.68
C GLY B 368 21.23 1.46 29.08
N LYS B 369 20.06 0.84 29.19
CA LYS B 369 19.52 0.44 30.48
C LYS B 369 19.19 -1.04 30.47
N ALA B 370 19.33 -1.70 31.63
CA ALA B 370 19.04 -3.12 31.71
C ALA B 370 17.56 -3.38 31.46
N VAL B 371 17.28 -4.39 30.66
CA VAL B 371 15.90 -4.72 30.33
C VAL B 371 15.26 -5.60 31.40
N LYS B 372 16.11 -6.24 32.22
CA LYS B 372 15.62 -7.09 33.30
C LYS B 372 16.31 -6.73 34.61
P PO4 C . 5.95 12.48 -26.18
O1 PO4 C . 7.03 13.53 -26.14
O2 PO4 C . 4.58 13.09 -25.99
O3 PO4 C . 5.99 11.79 -27.52
O4 PO4 C . 6.23 11.44 -25.12
P PO4 D . 20.17 6.02 -8.97
O1 PO4 D . 20.05 6.87 -7.72
O2 PO4 D . 19.04 6.39 -9.91
O3 PO4 D . 21.48 6.30 -9.66
O4 PO4 D . 20.09 4.57 -8.58
P PO4 E . -4.27 -13.56 -35.58
O1 PO4 E . -3.40 -12.34 -35.38
O2 PO4 E . -5.29 -13.62 -34.48
O3 PO4 E . -4.97 -13.47 -36.92
O4 PO4 E . -3.42 -14.81 -35.56
P PO4 F . -9.68 -2.80 -34.06
O1 PO4 F . -9.49 -2.97 -32.57
O2 PO4 F . -10.62 -1.64 -34.29
O3 PO4 F . -8.36 -2.45 -34.70
O4 PO4 F . -10.24 -4.04 -34.70
P PO4 G . -1.05 7.75 -17.63
O1 PO4 G . 0.25 7.05 -17.99
O2 PO4 G . -0.80 9.25 -17.65
O3 PO4 G . -2.12 7.41 -18.60
O4 PO4 G . -1.41 7.34 -16.23
C1 GOL H . -3.32 7.47 -11.44
O1 GOL H . -3.17 6.18 -11.98
C2 GOL H . -3.31 8.46 -12.59
O2 GOL H . -3.48 9.76 -12.05
C3 GOL H . -1.98 8.38 -13.30
O3 GOL H . -2.03 9.19 -14.45
C1 GOL I . -6.85 -19.26 0.27
O1 GOL I . -7.24 -19.10 -1.07
C2 GOL I . -7.87 -18.59 1.18
O2 GOL I . -7.61 -17.21 1.24
C3 GOL I . -9.29 -18.79 0.64
O3 GOL I . -10.20 -18.22 1.55
C1 GOL J . -24.27 -18.80 2.62
O1 GOL J . -24.24 -19.45 3.87
C2 GOL J . -22.94 -18.97 1.92
O2 GOL J . -22.96 -18.33 0.66
C3 GOL J . -21.87 -18.30 2.76
O3 GOL J . -20.65 -18.42 2.07
CL CL K . -13.18 -14.95 -1.15
P PO4 L . 11.46 -19.33 3.36
O1 PO4 L . 12.23 -20.59 3.71
O2 PO4 L . 10.70 -18.87 4.58
O3 PO4 L . 12.42 -18.29 2.86
O4 PO4 L . 10.47 -19.64 2.25
P PO4 M . -0.87 -6.63 18.07
O1 PO4 M . 0.58 -7.10 17.98
O2 PO4 M . -1.07 -5.79 19.26
O3 PO4 M . -1.25 -5.93 16.79
O4 PO4 M . -1.73 -7.87 18.14
C1 GOL N . -3.98 -4.06 12.83
O1 GOL N . -2.78 -3.40 13.14
C2 GOL N . -4.34 -4.96 14.02
O2 GOL N . -5.54 -5.62 13.72
C3 GOL N . -3.26 -6.01 14.24
O3 GOL N . -3.44 -6.61 15.51
C1 GOL O . 9.29 18.35 -0.51
O1 GOL O . 9.23 18.43 0.91
C2 GOL O . 7.96 18.85 -1.08
O2 GOL O . 7.02 17.80 -1.03
C3 GOL O . 7.46 20.02 -0.23
O3 GOL O . 6.12 20.29 -0.60
C1 GOL P . -1.68 28.78 1.64
O1 GOL P . -0.60 27.95 1.92
C2 GOL P . -1.69 29.90 2.67
O2 GOL P . -1.87 29.34 3.94
C3 GOL P . -2.82 30.89 2.40
O3 GOL P . -2.72 31.36 1.07
C1 GOL Q . 7.81 14.49 21.22
O1 GOL Q . 7.05 15.19 22.18
C2 GOL Q . 7.11 13.17 20.87
O2 GOL Q . 5.86 13.45 20.28
C3 GOL Q . 7.97 12.40 19.87
O3 GOL Q . 8.19 13.18 18.72
CL CL R . 2.58 19.84 3.22
#